data_7UHW
#
_entry.id   7UHW
#
_cell.length_a   44.370
_cell.length_b   51.550
_cell.length_c   92.570
_cell.angle_alpha   91.800
_cell.angle_beta   103.020
_cell.angle_gamma   110.190
#
_symmetry.space_group_name_H-M   'P 1'
#
loop_
_entity.id
_entity.type
_entity.pdbx_description
1 polymer 'Alcohol dehydrogenase E chain'
2 non-polymer 'ZINC ION'
3 non-polymer 'NICOTINAMIDE-ADENINE-DINUCLEOTIDE (ACIDIC FORM)'
4 non-polymer '2,3,4,5,6-PENTAFLUOROBENZYL ALCOHOL'
5 non-polymer (4R)-2-METHYLPENTANE-2,4-DIOL
6 water water
#
_entity_poly.entity_id   1
_entity_poly.type   'polypeptide(L)'
_entity_poly.pdbx_seq_one_letter_code
;STAGKVIKCKAAVLWEEKKPFSIEEVEVAPPKAHEVRIKMVATGICRSDDHVVSGTLVTPLPVIAGHEAAGIVESIGEGV
TTVRPGDKVIPLFTPQCGKCRVCKHPEGNFCLKNDLSMPRGTMQDGTSRFTCRGKPIHHFLGTSTFSQYTVVDEISVAKI
DAASPLEKVCLIACGFSTGYGSAVKVAKVTQGSTCAVFGLGGVGLSVIMGCKAAGAARIIGVDINKDKFAKAKEVGATEC
VNPQDYKKPIQEVLTEMSNGGVDFSFEVIGRLDTMVTALSCCQEAYGVSVIVGVPPDSQNLSMNPMLLLSGRTWKGAIFG
GFKSKDSVPKLVADFMAKKFALDPLITHVLPFEKINEGFDLLRSGESIRTILTF
;
_entity_poly.pdbx_strand_id   A,B
#
loop_
_chem_comp.id
_chem_comp.type
_chem_comp.name
_chem_comp.formula
MRD non-polymer (4R)-2-METHYLPENTANE-2,4-DIOL 'C6 H14 O2'
NAJ non-polymer 'NICOTINAMIDE-ADENINE-DINUCLEOTIDE (ACIDIC FORM)' 'C21 H27 N7 O14 P2'
PFB non-polymer '2,3,4,5,6-PENTAFLUOROBENZYL ALCOHOL' 'C7 H3 F5 O'
ZN non-polymer 'ZINC ION' 'Zn 2'
#
# COMPACT_ATOMS: atom_id res chain seq x y z
N SER A 1 -38.39 -19.16 -29.29
CA SER A 1 -38.10 -20.17 -30.34
C SER A 1 -36.63 -20.58 -30.31
N THR A 2 -35.70 -19.76 -29.80
CA THR A 2 -34.30 -20.27 -29.64
C THR A 2 -34.08 -20.86 -28.24
N ALA A 3 -35.00 -20.64 -27.31
CA ALA A 3 -34.84 -21.13 -25.94
C ALA A 3 -34.60 -22.65 -26.00
N GLY A 4 -33.59 -23.10 -25.28
CA GLY A 4 -33.25 -24.52 -25.12
C GLY A 4 -32.54 -25.09 -26.31
N LYS A 5 -32.29 -24.30 -27.33
CA LYS A 5 -31.63 -24.79 -28.56
C LYS A 5 -30.23 -24.20 -28.70
N VAL A 6 -29.33 -24.91 -29.35
CA VAL A 6 -28.05 -24.34 -29.78
C VAL A 6 -28.31 -23.19 -30.74
N ILE A 7 -27.60 -22.10 -30.53
CA ILE A 7 -27.61 -20.95 -31.47
C ILE A 7 -26.31 -20.95 -32.28
N LYS A 8 -26.42 -20.85 -33.59
CA LYS A 8 -25.29 -20.61 -34.48
C LYS A 8 -25.23 -19.11 -34.64
N CYS A 9 -24.06 -18.50 -34.50
CA CYS A 9 -23.96 -17.05 -34.66
C CYS A 9 -22.52 -16.72 -34.97
N LYS A 10 -22.22 -15.49 -35.33
CA LYS A 10 -20.86 -15.03 -35.55
C LYS A 10 -20.22 -14.61 -34.22
N ALA A 11 -18.94 -14.91 -34.14
CA ALA A 11 -18.10 -14.48 -33.01
C ALA A 11 -16.72 -14.16 -33.56
N ALA A 12 -15.91 -13.48 -32.74
CA ALA A 12 -14.53 -13.17 -33.09
C ALA A 12 -13.68 -14.15 -32.28
N VAL A 13 -13.15 -15.13 -32.97
CA VAL A 13 -12.36 -16.20 -32.31
C VAL A 13 -10.88 -15.85 -32.46
N LEU A 14 -10.16 -15.96 -31.34
CA LEU A 14 -8.70 -15.80 -31.32
C LEU A 14 -8.09 -17.20 -31.24
N TRP A 15 -7.53 -17.67 -32.36
CA TRP A 15 -6.97 -19.01 -32.42
C TRP A 15 -5.54 -19.05 -31.88
N GLU A 16 -4.81 -17.96 -32.05
CA GLU A 16 -3.35 -17.86 -31.78
C GLU A 16 -3.02 -16.48 -31.30
N GLU A 17 -2.01 -16.34 -30.44
CA GLU A 17 -1.53 -14.98 -30.06
C GLU A 17 -1.01 -14.26 -31.28
N LYS A 18 -1.06 -12.94 -31.24
CA LYS A 18 -0.35 -12.03 -32.15
C LYS A 18 -0.93 -12.17 -33.57
N LYS A 19 -2.20 -12.58 -33.66
CA LYS A 19 -2.92 -12.78 -34.94
C LYS A 19 -4.23 -12.02 -34.90
N PRO A 20 -4.75 -11.64 -36.09
CA PRO A 20 -6.09 -11.04 -36.11
C PRO A 20 -7.13 -12.01 -35.54
N PHE A 21 -8.23 -11.46 -35.08
CA PHE A 21 -9.43 -12.20 -34.75
C PHE A 21 -10.03 -12.76 -36.06
N SER A 22 -10.58 -13.97 -35.95
CA SER A 22 -11.31 -14.61 -37.05
C SER A 22 -12.81 -14.48 -36.79
N ILE A 23 -13.51 -13.71 -37.63
CA ILE A 23 -14.99 -13.57 -37.52
C ILE A 23 -15.57 -14.76 -38.24
N GLU A 24 -16.19 -15.66 -37.49
CA GLU A 24 -16.69 -16.90 -38.07
C GLU A 24 -17.78 -17.49 -37.18
N GLU A 25 -18.48 -18.47 -37.72
CA GLU A 25 -19.63 -19.05 -37.04
C GLU A 25 -19.11 -19.86 -35.87
N VAL A 26 -19.80 -19.74 -34.76
CA VAL A 26 -19.70 -20.57 -33.57
C VAL A 26 -21.08 -21.14 -33.19
N GLU A 27 -21.08 -22.20 -32.40
CA GLU A 27 -22.27 -22.79 -31.76
C GLU A 27 -22.27 -22.42 -30.29
N VAL A 28 -23.35 -21.82 -29.86
CA VAL A 28 -23.52 -21.35 -28.47
C VAL A 28 -24.58 -22.24 -27.85
N ALA A 29 -24.17 -23.05 -26.89
CA ALA A 29 -25.08 -23.95 -26.17
C ALA A 29 -26.11 -23.16 -25.38
N PRO A 30 -27.27 -23.75 -25.14
CA PRO A 30 -28.22 -23.12 -24.25
C PRO A 30 -27.72 -23.05 -22.82
N PRO A 31 -28.28 -22.15 -22.00
CA PRO A 31 -27.82 -21.99 -20.62
C PRO A 31 -28.23 -23.20 -19.78
N LYS A 32 -27.30 -23.63 -18.93
CA LYS A 32 -27.56 -24.61 -17.87
C LYS A 32 -28.10 -23.94 -16.65
N ALA A 33 -28.29 -24.68 -15.57
CA ALA A 33 -28.84 -24.07 -14.34
C ALA A 33 -27.98 -22.86 -13.95
N HIS A 34 -28.64 -21.80 -13.60
CA HIS A 34 -28.00 -20.56 -13.05
C HIS A 34 -27.07 -19.93 -14.11
N GLU A 35 -27.41 -20.10 -15.39
CA GLU A 35 -26.76 -19.48 -16.54
C GLU A 35 -27.71 -18.63 -17.32
N VAL A 36 -27.15 -17.68 -18.06
CA VAL A 36 -27.97 -16.69 -18.79
C VAL A 36 -27.37 -16.57 -20.15
N ARG A 37 -28.19 -16.70 -21.21
CA ARG A 37 -27.70 -16.45 -22.58
C ARG A 37 -28.14 -15.06 -23.05
N ILE A 38 -27.21 -14.34 -23.62
CA ILE A 38 -27.39 -12.90 -23.89
C ILE A 38 -27.11 -12.62 -25.36
N LYS A 39 -28.02 -11.87 -25.99
CA LYS A 39 -27.76 -11.29 -27.32
C LYS A 39 -27.01 -10.00 -27.14
N MET A 40 -25.80 -9.98 -27.66
CA MET A 40 -24.98 -8.78 -27.43
CA MET A 40 -24.93 -8.79 -27.46
C MET A 40 -25.48 -7.63 -28.30
N VAL A 41 -25.42 -6.43 -27.78
CA VAL A 41 -25.78 -5.22 -28.55
C VAL A 41 -24.57 -4.38 -28.85
N ALA A 42 -23.71 -4.16 -27.84
CA ALA A 42 -22.51 -3.32 -28.03
C ALA A 42 -21.37 -3.81 -27.13
N THR A 43 -20.14 -3.71 -27.64
CA THR A 43 -18.96 -3.99 -26.83
C THR A 43 -17.88 -3.00 -27.13
N GLY A 44 -17.22 -2.54 -26.08
CA GLY A 44 -16.00 -1.76 -26.22
C GLY A 44 -14.77 -2.62 -26.44
N ILE A 45 -13.74 -2.00 -26.94
CA ILE A 45 -12.39 -2.59 -27.08
C ILE A 45 -11.56 -1.98 -25.97
N CYS A 46 -11.21 -2.79 -24.97
CA CYS A 46 -10.37 -2.40 -23.82
C CYS A 46 -8.95 -2.87 -24.07
N ARG A 47 -7.96 -2.13 -23.63
CA ARG A 47 -6.54 -2.60 -23.80
C ARG A 47 -6.32 -3.98 -23.20
N SER A 48 -7.09 -4.40 -22.17
CA SER A 48 -6.92 -5.76 -21.62
C SER A 48 -7.25 -6.78 -22.71
N ASP A 49 -8.24 -6.56 -23.58
CA ASP A 49 -8.52 -7.51 -24.64
C ASP A 49 -7.29 -7.65 -25.52
N ASP A 50 -6.67 -6.53 -25.85
CA ASP A 50 -5.41 -6.52 -26.62
C ASP A 50 -4.25 -7.23 -25.92
N HIS A 51 -4.25 -7.20 -24.59
CA HIS A 51 -3.24 -7.94 -23.85
C HIS A 51 -3.38 -9.45 -24.12
N VAL A 52 -4.58 -9.96 -24.28
CA VAL A 52 -4.78 -11.39 -24.60
C VAL A 52 -4.08 -11.66 -25.94
N VAL A 53 -4.27 -10.80 -26.93
CA VAL A 53 -3.64 -10.97 -28.25
C VAL A 53 -2.12 -10.93 -28.10
N SER A 54 -1.58 -9.99 -27.35
CA SER A 54 -0.13 -9.75 -27.28
C SER A 54 0.56 -10.81 -26.42
N GLY A 55 -0.19 -11.57 -25.62
CA GLY A 55 0.39 -12.40 -24.56
C GLY A 55 0.82 -11.63 -23.31
N THR A 56 0.51 -10.35 -23.19
CA THR A 56 0.73 -9.60 -21.92
C THR A 56 -0.11 -10.29 -20.83
N LEU A 57 -1.33 -10.68 -21.18
CA LEU A 57 -2.26 -11.42 -20.30
CA LEU A 57 -2.24 -11.40 -20.25
C LEU A 57 -2.40 -12.82 -20.80
N VAL A 58 -2.11 -13.81 -19.97
CA VAL A 58 -2.19 -15.21 -20.38
C VAL A 58 -3.54 -15.78 -19.95
N THR A 59 -4.24 -16.31 -20.94
CA THR A 59 -5.53 -17.02 -20.69
C THR A 59 -5.55 -18.15 -21.72
N PRO A 60 -6.23 -19.26 -21.45
CA PRO A 60 -6.20 -20.33 -22.45
C PRO A 60 -6.78 -19.93 -23.81
N LEU A 61 -6.13 -20.40 -24.83
CA LEU A 61 -6.54 -20.26 -26.25
C LEU A 61 -6.91 -21.62 -26.79
N PRO A 62 -7.75 -21.69 -27.84
CA PRO A 62 -8.39 -20.57 -28.51
C PRO A 62 -9.47 -19.96 -27.60
N VAL A 63 -9.83 -18.69 -27.85
CA VAL A 63 -10.72 -17.97 -26.90
C VAL A 63 -11.65 -17.02 -27.66
N ILE A 64 -12.79 -16.81 -27.06
CA ILE A 64 -13.65 -15.65 -27.37
C ILE A 64 -13.43 -14.57 -26.26
N ALA A 65 -12.69 -13.53 -26.64
CA ALA A 65 -12.38 -12.45 -25.67
C ALA A 65 -13.55 -11.50 -25.64
N GLY A 66 -13.30 -10.30 -25.08
CA GLY A 66 -14.31 -9.26 -24.88
C GLY A 66 -14.87 -9.35 -23.48
N HIS A 67 -14.88 -8.17 -22.84
CA HIS A 67 -15.41 -8.09 -21.45
C HIS A 67 -16.12 -6.81 -21.10
N GLU A 68 -16.20 -5.88 -22.05
CA GLU A 68 -16.78 -4.52 -21.81
C GLU A 68 -18.04 -4.34 -22.65
N ALA A 69 -19.18 -4.82 -22.20
CA ALA A 69 -20.30 -4.96 -23.14
C ALA A 69 -21.63 -4.80 -22.46
N ALA A 70 -22.68 -4.77 -23.30
CA ALA A 70 -24.07 -4.77 -22.86
C ALA A 70 -24.91 -5.48 -23.92
N GLY A 71 -25.96 -6.10 -23.41
CA GLY A 71 -26.86 -6.82 -24.33
C GLY A 71 -28.22 -7.06 -23.70
N ILE A 72 -28.96 -7.96 -24.33
CA ILE A 72 -30.38 -8.28 -23.97
C ILE A 72 -30.50 -9.78 -23.69
N VAL A 73 -31.06 -10.13 -22.58
CA VAL A 73 -31.24 -11.57 -22.26
C VAL A 73 -32.10 -12.28 -23.32
N GLU A 74 -31.57 -13.33 -23.89
CA GLU A 74 -32.27 -14.21 -24.86
C GLU A 74 -33.01 -15.32 -24.08
N SER A 75 -32.38 -15.94 -23.07
CA SER A 75 -32.99 -17.01 -22.25
C SER A 75 -32.24 -17.18 -20.93
N ILE A 76 -32.92 -17.78 -19.99
CA ILE A 76 -32.31 -18.06 -18.66
C ILE A 76 -32.39 -19.55 -18.44
N GLY A 77 -31.39 -20.06 -17.78
CA GLY A 77 -31.39 -21.43 -17.29
C GLY A 77 -32.25 -21.61 -16.06
N GLU A 78 -32.40 -22.88 -15.67
CA GLU A 78 -33.16 -23.20 -14.45
C GLU A 78 -32.55 -22.47 -13.26
N GLY A 79 -33.41 -21.95 -12.43
CA GLY A 79 -33.05 -21.37 -11.12
C GLY A 79 -32.61 -19.92 -11.16
N VAL A 80 -32.48 -19.32 -12.34
CA VAL A 80 -32.11 -17.87 -12.45
C VAL A 80 -33.24 -17.02 -11.87
N THR A 81 -32.93 -16.07 -11.02
CA THR A 81 -33.93 -15.23 -10.35
C THR A 81 -33.67 -13.75 -10.57
N THR A 82 -32.49 -13.37 -11.03
CA THR A 82 -32.05 -11.94 -11.03
C THR A 82 -32.19 -11.25 -12.38
N VAL A 83 -32.40 -11.97 -13.44
CA VAL A 83 -32.68 -11.42 -14.79
C VAL A 83 -33.77 -12.26 -15.45
N ARG A 84 -34.40 -11.71 -16.45
CA ARG A 84 -35.42 -12.38 -17.25
C ARG A 84 -35.13 -12.12 -18.72
N PRO A 85 -35.70 -12.98 -19.62
CA PRO A 85 -35.63 -12.70 -21.04
C PRO A 85 -36.17 -11.30 -21.36
N GLY A 86 -35.44 -10.60 -22.21
CA GLY A 86 -35.76 -9.24 -22.66
C GLY A 86 -35.18 -8.14 -21.76
N ASP A 87 -34.56 -8.49 -20.64
CA ASP A 87 -33.89 -7.49 -19.79
C ASP A 87 -32.61 -7.02 -20.47
N LYS A 88 -32.30 -5.72 -20.36
CA LYS A 88 -30.93 -5.22 -20.67
C LYS A 88 -30.02 -5.60 -19.49
N VAL A 89 -28.84 -6.05 -19.89
CA VAL A 89 -27.86 -6.54 -18.91
C VAL A 89 -26.43 -6.19 -19.33
N ILE A 90 -25.59 -6.10 -18.31
CA ILE A 90 -24.12 -5.96 -18.46
C ILE A 90 -23.50 -7.23 -17.87
N PRO A 91 -22.69 -7.96 -18.70
CA PRO A 91 -21.82 -9.04 -18.15
C PRO A 91 -20.77 -8.41 -17.23
N LEU A 92 -20.49 -9.11 -16.17
CA LEU A 92 -19.58 -8.64 -15.11
C LEU A 92 -18.30 -9.48 -15.19
N PHE A 93 -17.21 -8.91 -15.62
CA PHE A 93 -15.93 -9.65 -15.74
C PHE A 93 -15.38 -9.99 -14.35
N THR A 94 -15.75 -9.23 -13.31
CA THR A 94 -15.51 -9.57 -11.92
C THR A 94 -16.87 -10.01 -11.40
N PRO A 95 -17.04 -11.28 -11.02
CA PRO A 95 -18.37 -11.71 -10.55
C PRO A 95 -18.71 -11.08 -9.20
N GLN A 96 -19.95 -11.24 -8.78
CA GLN A 96 -20.35 -11.01 -7.38
C GLN A 96 -21.24 -12.18 -6.91
N CYS A 97 -20.64 -13.21 -6.36
CA CYS A 97 -21.36 -14.38 -5.90
C CYS A 97 -22.22 -14.03 -4.69
N GLY A 98 -21.84 -13.02 -3.89
CA GLY A 98 -22.62 -12.62 -2.74
C GLY A 98 -22.43 -13.54 -1.53
N LYS A 99 -21.58 -14.56 -1.61
CA LYS A 99 -21.57 -15.62 -0.57
C LYS A 99 -20.17 -15.79 0.00
N CYS A 100 -19.13 -15.43 -0.73
CA CYS A 100 -17.72 -15.68 -0.30
C CYS A 100 -17.28 -14.60 0.69
N ARG A 101 -16.09 -14.79 1.26
CA ARG A 101 -15.64 -13.88 2.32
C ARG A 101 -15.41 -12.49 1.75
N VAL A 102 -15.02 -12.41 0.51
CA VAL A 102 -14.77 -11.11 -0.18
C VAL A 102 -16.10 -10.41 -0.42
N CYS A 103 -17.05 -11.12 -1.00
CA CYS A 103 -18.35 -10.51 -1.28
C CYS A 103 -18.99 -10.00 0.00
N LYS A 104 -18.78 -10.68 1.11
CA LYS A 104 -19.34 -10.28 2.44
C LYS A 104 -18.57 -9.16 3.10
N HIS A 105 -17.37 -8.85 2.63
CA HIS A 105 -16.56 -7.85 3.29
C HIS A 105 -16.96 -6.49 2.77
N PRO A 106 -17.02 -5.46 3.62
CA PRO A 106 -17.55 -4.18 3.15
C PRO A 106 -16.68 -3.53 2.08
N GLU A 107 -15.38 -3.85 2.05
N GLU A 107 -15.37 -3.81 2.07
CA GLU A 107 -14.43 -3.22 1.08
CA GLU A 107 -14.51 -3.09 1.09
C GLU A 107 -13.89 -4.23 0.07
C GLU A 107 -14.35 -3.95 -0.16
N GLY A 108 -14.41 -5.43 0.04
N GLY A 108 -14.17 -5.23 0.02
CA GLY A 108 -13.89 -6.42 -0.94
CA GLY A 108 -13.69 -6.13 -1.06
C GLY A 108 -14.67 -6.32 -2.23
N ASN A 109 -14.06 -6.48 -3.40
CA ASN A 109 -14.85 -6.71 -4.61
C ASN A 109 -14.29 -7.86 -5.48
N PHE A 110 -13.11 -8.37 -5.19
CA PHE A 110 -12.49 -9.38 -6.04
C PHE A 110 -12.99 -10.74 -5.62
N CYS A 111 -14.23 -11.01 -6.00
CA CYS A 111 -14.96 -12.22 -5.62
C CYS A 111 -14.08 -13.44 -5.94
N LEU A 112 -14.16 -14.41 -5.05
CA LEU A 112 -13.33 -15.64 -5.15
C LEU A 112 -13.73 -16.53 -6.30
N LYS A 113 -14.89 -16.29 -6.93
CA LYS A 113 -15.30 -17.04 -8.15
C LYS A 113 -14.71 -16.44 -9.41
N ASN A 114 -13.89 -15.41 -9.34
CA ASN A 114 -13.33 -14.79 -10.53
C ASN A 114 -12.50 -15.78 -11.33
N ASP A 115 -12.34 -15.51 -12.60
CA ASP A 115 -11.49 -16.26 -13.50
C ASP A 115 -10.30 -15.41 -13.97
N LEU A 116 -9.89 -14.44 -13.14
CA LEU A 116 -8.76 -13.52 -13.46
CA LEU A 116 -8.79 -13.49 -13.45
C LEU A 116 -7.46 -14.00 -12.86
N SER A 117 -7.44 -14.44 -11.60
CA SER A 117 -6.15 -14.81 -10.90
CA SER A 117 -6.12 -14.72 -10.95
C SER A 117 -5.44 -15.95 -11.59
N MET A 118 -6.21 -16.94 -11.92
CA MET A 118 -5.60 -18.16 -12.52
CA MET A 118 -5.66 -18.23 -12.41
C MET A 118 -6.56 -18.69 -13.57
N PRO A 119 -6.51 -18.01 -14.72
CA PRO A 119 -7.60 -18.21 -15.68
C PRO A 119 -7.71 -19.64 -16.17
N ARG A 120 -8.96 -20.17 -16.09
CA ARG A 120 -9.31 -21.50 -16.69
C ARG A 120 -9.96 -21.28 -18.06
N GLY A 121 -10.62 -20.14 -18.30
CA GLY A 121 -11.32 -19.95 -19.59
C GLY A 121 -12.56 -20.78 -19.74
N THR A 122 -13.30 -20.97 -18.66
CA THR A 122 -14.52 -21.78 -18.63
C THR A 122 -15.66 -21.02 -18.00
N MET A 123 -16.83 -21.62 -18.04
CA MET A 123 -17.92 -21.30 -17.14
C MET A 123 -17.57 -21.71 -15.69
N GLN A 124 -18.41 -21.34 -14.73
CA GLN A 124 -18.15 -21.74 -13.33
C GLN A 124 -18.04 -23.26 -13.24
N ASP A 125 -18.76 -24.03 -14.05
CA ASP A 125 -18.77 -25.51 -13.93
C ASP A 125 -17.58 -26.15 -14.63
N GLY A 126 -16.61 -25.39 -15.11
CA GLY A 126 -15.40 -25.93 -15.72
C GLY A 126 -15.56 -26.38 -17.14
N THR A 127 -16.64 -26.03 -17.78
CA THR A 127 -16.88 -26.42 -19.18
C THR A 127 -17.12 -25.17 -20.03
N SER A 128 -17.18 -25.36 -21.32
CA SER A 128 -17.39 -24.29 -22.33
C SER A 128 -18.75 -24.42 -23.01
N ARG A 129 -19.35 -23.30 -23.32
CA ARG A 129 -20.59 -23.22 -24.05
C ARG A 129 -20.33 -22.96 -25.52
N PHE A 130 -19.10 -22.86 -25.99
CA PHE A 130 -18.74 -22.45 -27.37
C PHE A 130 -18.06 -23.59 -28.09
N THR A 131 -18.48 -23.80 -29.31
CA THR A 131 -17.86 -24.72 -30.28
C THR A 131 -17.57 -23.93 -31.56
N CYS A 132 -16.47 -24.21 -32.23
CA CYS A 132 -16.13 -23.57 -33.52
C CYS A 132 -15.36 -24.58 -34.33
N ARG A 133 -15.80 -24.84 -35.55
CA ARG A 133 -15.19 -25.85 -36.40
C ARG A 133 -15.17 -27.20 -35.67
N GLY A 134 -16.14 -27.46 -34.82
CA GLY A 134 -16.27 -28.69 -34.04
C GLY A 134 -15.33 -28.72 -32.86
N LYS A 135 -14.55 -27.64 -32.58
CA LYS A 135 -13.61 -27.61 -31.45
C LYS A 135 -14.13 -26.77 -30.30
N PRO A 136 -13.94 -27.16 -29.03
CA PRO A 136 -14.28 -26.27 -27.92
C PRO A 136 -13.43 -25.02 -27.90
N ILE A 137 -14.08 -23.91 -27.60
CA ILE A 137 -13.44 -22.58 -27.53
C ILE A 137 -13.56 -22.06 -26.08
N HIS A 138 -12.47 -21.54 -25.54
CA HIS A 138 -12.45 -20.92 -24.18
CA HIS A 138 -12.58 -21.00 -24.15
C HIS A 138 -13.39 -19.70 -24.09
N HIS A 139 -13.87 -19.51 -22.92
CA HIS A 139 -14.43 -18.26 -22.45
C HIS A 139 -13.31 -17.37 -21.95
N PHE A 140 -13.64 -16.11 -21.70
CA PHE A 140 -12.70 -15.12 -21.15
C PHE A 140 -13.40 -14.37 -20.04
N LEU A 141 -12.86 -14.48 -18.82
CA LEU A 141 -13.35 -13.77 -17.61
C LEU A 141 -14.82 -14.07 -17.36
N GLY A 142 -15.31 -15.23 -17.85
CA GLY A 142 -16.72 -15.56 -17.69
C GLY A 142 -17.63 -14.66 -18.48
N THR A 143 -17.14 -13.88 -19.41
CA THR A 143 -18.00 -12.92 -20.18
C THR A 143 -17.98 -13.28 -21.66
N SER A 144 -16.89 -13.21 -22.34
CA SER A 144 -16.79 -13.55 -23.78
C SER A 144 -17.74 -12.73 -24.61
N THR A 145 -17.47 -11.42 -24.70
CA THR A 145 -18.47 -10.48 -25.26
C THR A 145 -18.25 -10.26 -26.74
N PHE A 146 -17.16 -10.79 -27.32
CA PHE A 146 -16.93 -10.67 -28.77
C PHE A 146 -17.65 -11.76 -29.54
N SER A 147 -18.96 -11.77 -29.34
CA SER A 147 -19.83 -12.81 -29.95
C SER A 147 -21.26 -12.25 -29.99
N GLN A 148 -22.00 -12.59 -31.05
CA GLN A 148 -23.40 -12.14 -31.14
C GLN A 148 -24.20 -12.64 -29.97
N TYR A 149 -23.85 -13.85 -29.46
CA TYR A 149 -24.47 -14.41 -28.26
C TYR A 149 -23.38 -14.95 -27.35
N THR A 150 -23.56 -14.77 -26.07
CA THR A 150 -22.71 -15.37 -25.03
C THR A 150 -23.58 -16.03 -23.99
N VAL A 151 -22.92 -16.88 -23.21
CA VAL A 151 -23.54 -17.50 -22.02
C VAL A 151 -22.69 -17.15 -20.79
N VAL A 152 -23.34 -16.63 -19.76
CA VAL A 152 -22.61 -16.27 -18.53
C VAL A 152 -23.30 -16.89 -17.34
N ASP A 153 -22.54 -17.11 -16.30
CA ASP A 153 -23.09 -17.50 -14.99
C ASP A 153 -23.92 -16.33 -14.46
N GLU A 154 -24.95 -16.63 -13.67
CA GLU A 154 -25.81 -15.58 -13.08
C GLU A 154 -24.96 -14.62 -12.27
N ILE A 155 -24.00 -15.10 -11.50
CA ILE A 155 -23.19 -14.20 -10.64
C ILE A 155 -22.35 -13.25 -11.50
N SER A 156 -22.30 -13.39 -12.81
CA SER A 156 -21.54 -12.54 -13.75
C SER A 156 -22.47 -11.75 -14.66
N VAL A 157 -23.68 -11.42 -14.20
CA VAL A 157 -24.55 -10.54 -15.00
C VAL A 157 -25.39 -9.68 -14.07
N ALA A 158 -25.59 -8.44 -14.51
CA ALA A 158 -26.41 -7.48 -13.77
C ALA A 158 -27.48 -6.94 -14.72
N LYS A 159 -28.71 -6.92 -14.20
CA LYS A 159 -29.83 -6.25 -14.86
C LYS A 159 -29.71 -4.74 -14.72
N ILE A 160 -29.87 -4.02 -15.85
CA ILE A 160 -29.78 -2.55 -15.86
C ILE A 160 -31.05 -1.93 -16.42
N ASP A 161 -31.13 -0.61 -16.32
CA ASP A 161 -32.37 0.12 -16.62
C ASP A 161 -32.82 -0.27 -18.03
N ALA A 162 -34.12 -0.53 -18.19
CA ALA A 162 -34.66 -0.91 -19.51
C ALA A 162 -34.54 0.20 -20.54
N ALA A 163 -34.41 1.46 -20.11
CA ALA A 163 -34.26 2.59 -21.05
CA ALA A 163 -34.30 2.59 -21.08
C ALA A 163 -32.79 2.94 -21.29
C ALA A 163 -32.85 2.97 -21.45
N SER A 164 -31.85 2.04 -21.00
N SER A 164 -31.89 2.30 -20.85
CA SER A 164 -30.40 2.35 -21.09
CA SER A 164 -30.49 2.76 -20.95
C SER A 164 -29.96 2.45 -22.54
C SER A 164 -29.99 2.52 -22.36
N PRO A 165 -29.07 3.40 -22.90
CA PRO A 165 -28.51 3.30 -24.25
C PRO A 165 -27.28 2.41 -24.23
N LEU A 166 -27.45 1.20 -24.72
CA LEU A 166 -26.41 0.17 -24.55
C LEU A 166 -25.11 0.48 -25.25
N GLU A 167 -25.18 1.24 -26.32
CA GLU A 167 -24.00 1.65 -27.07
C GLU A 167 -23.15 2.68 -26.30
N LYS A 168 -23.68 3.23 -25.23
CA LYS A 168 -22.89 4.07 -24.29
C LYS A 168 -22.57 3.28 -23.01
N VAL A 169 -23.55 2.66 -22.41
CA VAL A 169 -23.37 2.15 -21.05
C VAL A 169 -22.46 0.93 -21.07
N CYS A 170 -22.20 0.30 -22.22
CA CYS A 170 -21.21 -0.80 -22.21
C CYS A 170 -19.93 -0.34 -21.54
N LEU A 171 -19.58 0.95 -21.55
CA LEU A 171 -18.30 1.37 -20.95
C LEU A 171 -18.36 1.25 -19.42
N ILE A 172 -19.50 1.17 -18.81
CA ILE A 172 -19.65 0.93 -17.36
C ILE A 172 -19.22 -0.49 -17.05
N ALA A 173 -19.18 -1.37 -18.04
CA ALA A 173 -18.74 -2.76 -17.81
C ALA A 173 -17.24 -2.83 -17.59
N CYS A 174 -16.40 -1.84 -17.94
CA CYS A 174 -14.97 -1.94 -17.58
C CYS A 174 -14.38 -0.54 -17.46
N GLY A 175 -14.13 0.11 -18.54
CA GLY A 175 -13.14 1.22 -18.48
C GLY A 175 -13.61 2.41 -17.65
N PHE A 176 -14.86 2.87 -17.81
CA PHE A 176 -15.30 4.03 -17.00
C PHE A 176 -15.28 3.62 -15.56
N SER A 177 -15.98 2.56 -15.19
CA SER A 177 -16.11 2.20 -13.77
C SER A 177 -14.79 1.96 -13.09
N THR A 178 -13.87 1.35 -13.82
CA THR A 178 -12.54 1.11 -13.28
C THR A 178 -11.87 2.42 -12.95
N GLY A 179 -11.77 3.31 -13.92
CA GLY A 179 -11.00 4.52 -13.70
C GLY A 179 -11.66 5.39 -12.64
N TYR A 180 -12.97 5.57 -12.76
CA TYR A 180 -13.71 6.46 -11.88
C TYR A 180 -13.66 5.93 -10.44
N GLY A 181 -13.92 4.64 -10.23
CA GLY A 181 -13.82 4.01 -8.91
C GLY A 181 -12.41 4.01 -8.37
N SER A 182 -11.39 3.82 -9.20
CA SER A 182 -10.02 3.88 -8.71
C SER A 182 -9.75 5.21 -8.02
N ALA A 183 -10.32 6.28 -8.54
CA ALA A 183 -10.16 7.62 -7.95
C ALA A 183 -11.05 7.80 -6.74
N VAL A 184 -12.34 7.56 -6.87
CA VAL A 184 -13.33 7.99 -5.84
C VAL A 184 -13.44 6.95 -4.71
N LYS A 185 -13.25 5.67 -5.01
CA LYS A 185 -13.43 4.58 -4.05
C LYS A 185 -12.12 4.07 -3.50
N VAL A 186 -11.19 3.73 -4.36
CA VAL A 186 -9.93 3.06 -3.99
C VAL A 186 -8.97 4.09 -3.39
N ALA A 187 -8.63 5.13 -4.15
CA ALA A 187 -7.74 6.19 -3.63
C ALA A 187 -8.45 7.09 -2.63
N LYS A 188 -9.73 7.32 -2.80
CA LYS A 188 -10.53 8.29 -2.00
C LYS A 188 -9.89 9.68 -2.13
N VAL A 189 -9.72 10.13 -3.33
CA VAL A 189 -9.20 11.46 -3.66
C VAL A 189 -10.00 12.52 -2.88
N THR A 190 -9.28 13.48 -2.30
CA THR A 190 -9.84 14.56 -1.46
C THR A 190 -9.94 15.89 -2.19
N GLN A 191 -10.90 16.68 -1.68
CA GLN A 191 -11.03 18.03 -2.25
C GLN A 191 -9.70 18.79 -2.04
N GLY A 192 -9.29 19.51 -3.08
CA GLY A 192 -8.14 20.41 -3.05
C GLY A 192 -6.81 19.71 -3.27
N SER A 193 -6.83 18.38 -3.52
CA SER A 193 -5.60 17.58 -3.60
C SER A 193 -4.96 17.70 -4.98
N THR A 194 -3.72 17.23 -5.08
CA THR A 194 -3.00 17.14 -6.34
C THR A 194 -2.89 15.67 -6.73
N CYS A 195 -3.25 15.34 -7.94
CA CYS A 195 -3.28 13.96 -8.46
C CYS A 195 -2.37 13.93 -9.68
N ALA A 196 -1.71 12.77 -9.91
CA ALA A 196 -0.99 12.47 -11.15
C ALA A 196 -1.54 11.19 -11.72
N VAL A 197 -1.88 11.21 -12.99
CA VAL A 197 -2.47 10.08 -13.73
C VAL A 197 -1.55 9.64 -14.85
N PHE A 198 -0.96 8.43 -14.72
CA PHE A 198 -0.08 7.91 -15.75
C PHE A 198 -0.89 7.04 -16.68
N GLY A 199 -0.96 7.54 -17.92
CA GLY A 199 -1.72 6.86 -18.98
C GLY A 199 -3.05 7.54 -19.20
N LEU A 200 -3.25 8.00 -20.45
CA LEU A 200 -4.45 8.86 -20.74
C LEU A 200 -5.31 8.18 -21.79
N GLY A 201 -5.42 6.87 -21.72
CA GLY A 201 -6.44 6.09 -22.44
C GLY A 201 -7.79 6.13 -21.80
N GLY A 202 -8.67 5.26 -22.21
CA GLY A 202 -10.02 5.33 -21.70
C GLY A 202 -10.05 5.22 -20.19
N VAL A 203 -9.24 4.30 -19.62
CA VAL A 203 -9.24 4.14 -18.15
C VAL A 203 -8.61 5.36 -17.45
N GLY A 204 -7.49 5.86 -17.97
CA GLY A 204 -6.91 7.02 -17.28
C GLY A 204 -7.77 8.27 -17.41
N LEU A 205 -8.48 8.42 -18.50
CA LEU A 205 -9.42 9.57 -18.63
C LEU A 205 -10.53 9.40 -17.59
N SER A 206 -10.97 8.22 -17.33
CA SER A 206 -11.96 7.91 -16.33
C SER A 206 -11.44 8.20 -14.92
N VAL A 207 -10.20 7.90 -14.67
CA VAL A 207 -9.52 8.33 -13.41
C VAL A 207 -9.57 9.87 -13.29
N ILE A 208 -9.23 10.58 -14.34
CA ILE A 208 -9.32 12.04 -14.29
C ILE A 208 -10.74 12.47 -13.96
N MET A 209 -11.71 11.90 -14.67
CA MET A 209 -13.09 12.24 -14.35
C MET A 209 -13.34 12.08 -12.87
N GLY A 210 -12.96 10.95 -12.28
CA GLY A 210 -13.21 10.74 -10.84
C GLY A 210 -12.43 11.74 -9.99
N CYS A 211 -11.18 12.00 -10.31
CA CYS A 211 -10.44 12.99 -9.52
C CYS A 211 -11.12 14.37 -9.55
N LYS A 212 -11.62 14.78 -10.70
CA LYS A 212 -12.34 16.05 -10.84
C LYS A 212 -13.62 15.99 -10.01
N ALA A 213 -14.35 14.91 -10.07
CA ALA A 213 -15.60 14.74 -9.33
C ALA A 213 -15.34 14.88 -7.84
N ALA A 214 -14.23 14.36 -7.39
CA ALA A 214 -13.82 14.34 -5.98
C ALA A 214 -13.30 15.75 -5.57
N GLY A 215 -13.11 16.68 -6.51
CA GLY A 215 -12.71 18.06 -6.16
C GLY A 215 -11.22 18.31 -6.19
N ALA A 216 -10.41 17.45 -6.77
CA ALA A 216 -8.94 17.70 -6.82
C ALA A 216 -8.70 19.08 -7.41
N ALA A 217 -7.76 19.80 -6.84
CA ALA A 217 -7.36 21.11 -7.36
C ALA A 217 -6.43 21.00 -8.56
N ARG A 218 -5.58 19.99 -8.64
CA ARG A 218 -4.60 19.80 -9.71
C ARG A 218 -4.62 18.34 -10.14
N ILE A 219 -4.72 18.13 -11.42
CA ILE A 219 -4.76 16.77 -12.00
C ILE A 219 -3.74 16.76 -13.13
N ILE A 220 -2.58 16.13 -12.95
CA ILE A 220 -1.51 16.18 -13.91
C ILE A 220 -1.59 14.88 -14.70
N GLY A 221 -1.84 14.97 -15.98
CA GLY A 221 -1.85 13.81 -16.87
C GLY A 221 -0.45 13.54 -17.37
N VAL A 222 -0.11 12.29 -17.48
CA VAL A 222 1.24 11.88 -17.90
C VAL A 222 1.08 10.86 -19.03
N ASP A 223 1.58 11.15 -20.21
CA ASP A 223 1.56 10.17 -21.32
C ASP A 223 2.74 10.49 -22.23
N ILE A 224 3.28 9.47 -22.84
CA ILE A 224 4.30 9.65 -23.89
C ILE A 224 3.70 10.01 -25.25
N ASN A 225 2.40 9.93 -25.40
CA ASN A 225 1.70 10.34 -26.63
C ASN A 225 1.01 11.70 -26.38
N LYS A 226 1.63 12.81 -26.86
CA LYS A 226 1.04 14.11 -26.56
C LYS A 226 -0.32 14.28 -27.27
N ASP A 227 -0.65 13.48 -28.27
CA ASP A 227 -1.99 13.54 -28.89
C ASP A 227 -3.10 13.27 -27.91
N LYS A 228 -2.80 12.65 -26.74
CA LYS A 228 -3.78 12.30 -25.71
C LYS A 228 -4.10 13.48 -24.79
N PHE A 229 -3.30 14.56 -24.90
CA PHE A 229 -3.44 15.65 -23.89
C PHE A 229 -4.71 16.46 -24.00
N ALA A 230 -5.14 16.73 -25.26
CA ALA A 230 -6.30 17.62 -25.42
C ALA A 230 -7.54 17.05 -24.72
N LYS A 231 -7.79 15.73 -24.96
CA LYS A 231 -8.98 15.10 -24.34
C LYS A 231 -8.82 15.04 -22.82
N ALA A 232 -7.57 14.81 -22.35
CA ALA A 232 -7.34 14.73 -20.88
C ALA A 232 -7.73 16.10 -20.23
N LYS A 233 -7.34 17.20 -20.90
CA LYS A 233 -7.67 18.56 -20.37
C LYS A 233 -9.19 18.73 -20.43
N GLU A 234 -9.83 18.29 -21.50
CA GLU A 234 -11.32 18.44 -21.61
C GLU A 234 -12.06 17.83 -20.42
N VAL A 235 -11.57 16.69 -19.95
CA VAL A 235 -12.25 15.95 -18.85
C VAL A 235 -11.72 16.32 -17.48
N GLY A 236 -10.71 17.16 -17.40
CA GLY A 236 -10.36 17.69 -16.08
C GLY A 236 -8.86 17.83 -15.82
N ALA A 237 -7.95 17.38 -16.66
CA ALA A 237 -6.55 17.59 -16.40
C ALA A 237 -6.25 19.07 -16.35
N THR A 238 -5.42 19.48 -15.40
CA THR A 238 -5.02 20.89 -15.32
C THR A 238 -3.74 21.16 -16.08
C THR A 238 -3.68 21.15 -16.02
N GLU A 239 -3.01 20.12 -16.45
N GLU A 239 -2.84 20.12 -16.10
CA GLU A 239 -1.71 20.21 -17.11
CA GLU A 239 -1.53 20.10 -16.75
C GLU A 239 -1.31 18.79 -17.47
C GLU A 239 -1.40 18.72 -17.41
N CYS A 240 -0.56 18.65 -18.54
N CYS A 240 -0.59 18.63 -18.47
CA CYS A 240 -0.13 17.34 -19.05
C CYS A 240 1.37 17.41 -19.26
N VAL A 241 2.02 16.29 -19.00
CA VAL A 241 3.47 16.20 -19.18
C VAL A 241 3.81 14.92 -19.94
N ASN A 242 4.77 15.05 -20.82
CA ASN A 242 5.31 13.92 -21.58
C ASN A 242 6.71 13.60 -21.07
N PRO A 243 6.95 12.44 -20.41
CA PRO A 243 8.27 12.11 -19.89
C PRO A 243 9.40 12.30 -20.92
N GLN A 244 9.09 12.14 -22.21
CA GLN A 244 10.13 12.16 -23.25
C GLN A 244 10.67 13.59 -23.43
N ASP A 245 9.99 14.60 -22.87
CA ASP A 245 10.42 16.01 -23.04
C ASP A 245 11.51 16.36 -22.04
N TYR A 246 11.70 15.54 -21.03
CA TYR A 246 12.53 15.92 -19.87
C TYR A 246 13.81 15.12 -19.80
N LYS A 247 14.86 15.79 -19.35
CA LYS A 247 16.16 15.11 -19.11
CA LYS A 247 16.17 15.13 -19.11
C LYS A 247 16.07 14.21 -17.83
C LYS A 247 16.38 14.59 -17.70
N LYS A 248 15.35 14.68 -16.84
N LYS A 248 15.32 14.58 -16.91
CA LYS A 248 15.28 14.03 -15.54
C LYS A 248 14.13 13.03 -15.53
N PRO A 249 14.20 12.03 -14.65
CA PRO A 249 13.11 11.06 -14.59
C PRO A 249 11.81 11.74 -14.17
N ILE A 250 10.66 11.24 -14.64
CA ILE A 250 9.41 12.01 -14.44
C ILE A 250 9.01 12.00 -12.94
N GLN A 251 9.43 11.01 -12.13
CA GLN A 251 9.07 11.10 -10.71
C GLN A 251 9.71 12.37 -10.11
N GLU A 252 10.93 12.71 -10.52
CA GLU A 252 11.60 13.96 -10.04
C GLU A 252 10.84 15.21 -10.54
N VAL A 253 10.43 15.20 -11.81
CA VAL A 253 9.65 16.32 -12.38
C VAL A 253 8.34 16.48 -11.63
N LEU A 254 7.66 15.40 -11.34
CA LEU A 254 6.34 15.53 -10.69
C LEU A 254 6.51 15.93 -9.24
N THR A 255 7.57 15.44 -8.60
CA THR A 255 7.86 15.87 -7.19
C THR A 255 8.08 17.40 -7.17
N GLU A 256 8.89 17.90 -8.10
CA GLU A 256 9.15 19.37 -8.21
C GLU A 256 7.83 20.11 -8.44
N MET A 257 7.02 19.64 -9.38
CA MET A 257 5.84 20.38 -9.84
C MET A 257 4.87 20.49 -8.68
N SER A 258 4.83 19.45 -7.83
CA SER A 258 3.89 19.35 -6.70
C SER A 258 4.52 19.82 -5.37
N ASN A 259 5.67 20.50 -5.47
CA ASN A 259 6.32 21.08 -4.28
C ASN A 259 6.50 19.97 -3.20
N GLY A 260 6.97 18.80 -3.60
CA GLY A 260 7.36 17.77 -2.66
C GLY A 260 6.64 16.45 -2.82
N GLY A 261 5.84 16.22 -3.87
CA GLY A 261 5.13 14.98 -4.16
C GLY A 261 3.65 15.21 -4.21
N VAL A 262 2.97 14.34 -4.95
CA VAL A 262 1.52 14.46 -5.14
C VAL A 262 0.77 13.75 -4.01
N ASP A 263 -0.47 14.09 -3.84
CA ASP A 263 -1.34 13.43 -2.85
C ASP A 263 -1.73 12.01 -3.33
N PHE A 264 -2.06 11.88 -4.59
CA PHE A 264 -2.59 10.65 -5.18
C PHE A 264 -1.98 10.47 -6.54
N SER A 265 -1.44 9.28 -6.79
CA SER A 265 -1.00 8.92 -8.13
C SER A 265 -1.65 7.60 -8.58
N PHE A 266 -1.74 7.43 -9.89
CA PHE A 266 -2.41 6.30 -10.51
C PHE A 266 -1.55 5.80 -11.64
N GLU A 267 -1.27 4.50 -11.64
CA GLU A 267 -0.66 3.86 -12.80
C GLU A 267 -1.78 3.25 -13.65
N VAL A 268 -1.92 3.75 -14.89
CA VAL A 268 -3.01 3.33 -15.76
C VAL A 268 -2.49 2.96 -17.11
N ILE A 269 -1.37 2.23 -17.10
CA ILE A 269 -0.68 1.83 -18.34
C ILE A 269 -0.49 0.32 -18.36
N GLY A 270 0.19 -0.24 -17.37
CA GLY A 270 0.61 -1.65 -17.31
C GLY A 270 2.09 -1.84 -17.50
N ARG A 271 2.91 -1.02 -16.96
CA ARG A 271 4.36 -1.18 -17.03
C ARG A 271 4.91 -1.28 -15.60
N LEU A 272 5.86 -2.19 -15.39
CA LEU A 272 6.52 -2.27 -14.06
C LEU A 272 7.24 -0.96 -13.73
N ASP A 273 7.89 -0.34 -14.71
CA ASP A 273 8.68 0.89 -14.40
C ASP A 273 7.75 2.04 -13.98
N THR A 274 6.61 2.24 -14.66
CA THR A 274 5.72 3.33 -14.33
C THR A 274 4.99 2.97 -13.04
N MET A 275 4.81 1.72 -12.65
CA MET A 275 4.24 1.45 -11.32
C MET A 275 5.15 1.97 -10.22
N VAL A 276 6.46 1.79 -10.38
CA VAL A 276 7.43 2.29 -9.37
C VAL A 276 7.54 3.80 -9.44
N THR A 277 7.57 4.37 -10.63
CA THR A 277 7.64 5.84 -10.82
C THR A 277 6.40 6.48 -10.18
N ALA A 278 5.21 5.91 -10.40
CA ALA A 278 3.99 6.47 -9.86
C ALA A 278 4.02 6.40 -8.34
N LEU A 279 4.53 5.31 -7.74
CA LEU A 279 4.65 5.28 -6.27
C LEU A 279 5.60 6.39 -5.83
N SER A 280 6.76 6.50 -6.46
CA SER A 280 7.81 7.41 -6.02
C SER A 280 7.31 8.84 -6.06
N CYS A 281 6.48 9.21 -7.01
CA CYS A 281 6.09 10.62 -7.19
C CYS A 281 5.04 11.08 -6.18
C CYS A 281 5.06 11.07 -6.17
N CYS A 282 4.38 10.20 -5.45
N CYS A 282 4.53 10.13 -5.42
CA CYS A 282 3.46 10.62 -4.37
CA CYS A 282 3.67 10.43 -4.27
C CYS A 282 4.26 10.95 -3.10
C CYS A 282 4.51 11.04 -3.16
N GLN A 283 3.73 11.91 -2.34
N GLN A 283 3.85 11.88 -2.38
CA GLN A 283 4.51 12.47 -1.22
C GLN A 283 4.88 11.32 -0.26
N GLU A 284 6.11 11.37 0.23
CA GLU A 284 6.70 10.20 0.90
C GLU A 284 6.09 9.88 2.25
N ALA A 285 5.42 10.79 2.89
CA ALA A 285 4.87 10.62 4.22
C ALA A 285 3.39 10.24 4.19
N TYR A 286 2.65 10.75 3.20
CA TYR A 286 1.15 10.61 3.24
C TYR A 286 0.58 10.34 1.84
N GLY A 287 1.45 10.25 0.84
CA GLY A 287 0.94 9.97 -0.49
C GLY A 287 0.31 8.58 -0.63
N VAL A 288 -0.57 8.46 -1.62
CA VAL A 288 -1.24 7.18 -1.98
C VAL A 288 -1.03 6.96 -3.46
N SER A 289 -0.63 5.75 -3.83
CA SER A 289 -0.52 5.37 -5.25
C SER A 289 -1.36 4.14 -5.51
N VAL A 290 -2.12 4.18 -6.60
CA VAL A 290 -3.02 3.08 -7.01
C VAL A 290 -2.55 2.49 -8.33
N ILE A 291 -2.31 1.19 -8.35
CA ILE A 291 -2.05 0.44 -9.60
C ILE A 291 -3.40 0.02 -10.19
N VAL A 292 -3.53 0.44 -11.43
CA VAL A 292 -4.70 0.07 -12.26
C VAL A 292 -4.26 -0.75 -13.47
N GLY A 293 -3.14 -0.39 -14.07
CA GLY A 293 -2.66 -1.11 -15.25
C GLY A 293 -2.36 -2.57 -15.00
N VAL A 294 -2.52 -3.37 -16.03
N VAL A 294 -2.48 -3.35 -16.05
CA VAL A 294 -2.32 -4.84 -15.95
CA VAL A 294 -2.15 -4.81 -16.03
C VAL A 294 -0.86 -5.10 -16.27
C VAL A 294 -0.83 -5.00 -16.78
N PRO A 295 -0.11 -5.73 -15.36
N PRO A 295 0.20 -5.39 -16.04
CA PRO A 295 1.30 -5.97 -15.61
CA PRO A 295 1.52 -5.63 -16.60
C PRO A 295 1.51 -7.16 -16.52
C PRO A 295 1.73 -7.00 -17.21
N PRO A 296 2.71 -7.23 -17.15
N PRO A 296 2.90 -7.20 -17.82
CA PRO A 296 2.97 -8.35 -18.03
CA PRO A 296 3.21 -8.44 -18.53
C PRO A 296 3.12 -9.66 -17.24
C PRO A 296 3.30 -9.64 -17.58
N ASP A 297 2.72 -10.71 -17.92
N ASP A 297 2.65 -10.72 -17.98
CA ASP A 297 2.49 -11.99 -17.22
C ASP A 297 3.78 -12.42 -16.50
N SER A 298 3.62 -12.75 -15.22
CA SER A 298 4.62 -13.43 -14.37
C SER A 298 5.84 -12.55 -14.15
N GLN A 299 5.82 -11.27 -14.49
CA GLN A 299 7.03 -10.44 -14.24
C GLN A 299 6.94 -9.66 -12.92
N ASN A 300 8.05 -9.65 -12.22
CA ASN A 300 8.20 -8.93 -10.94
C ASN A 300 8.85 -7.57 -11.17
N LEU A 301 8.36 -6.61 -10.39
CA LEU A 301 9.03 -5.29 -10.28
C LEU A 301 10.08 -5.34 -9.17
N SER A 302 10.96 -4.36 -9.24
CA SER A 302 11.98 -4.13 -8.21
CA SER A 302 11.96 -4.17 -8.16
C SER A 302 11.74 -2.78 -7.59
N MET A 303 11.72 -2.67 -6.26
CA MET A 303 11.60 -1.34 -5.63
C MET A 303 12.31 -1.34 -4.27
N ASN A 304 12.54 -0.13 -3.80
CA ASN A 304 13.17 0.08 -2.48
C ASN A 304 12.04 0.27 -1.46
N PRO A 305 11.93 -0.64 -0.45
CA PRO A 305 10.83 -0.55 0.52
C PRO A 305 10.91 0.71 1.41
N MET A 306 12.03 1.43 1.39
CA MET A 306 12.05 2.76 2.08
C MET A 306 10.98 3.68 1.51
N LEU A 307 10.56 3.47 0.26
CA LEU A 307 9.48 4.34 -0.30
C LEU A 307 8.22 4.17 0.57
N LEU A 308 7.99 2.95 1.09
CA LEU A 308 6.83 2.69 1.94
C LEU A 308 7.07 3.03 3.42
N LEU A 309 8.28 2.75 3.91
CA LEU A 309 8.55 2.94 5.35
C LEU A 309 8.30 4.40 5.77
N SER A 310 8.56 5.36 4.88
CA SER A 310 8.33 6.76 5.22
C SER A 310 6.87 7.13 5.41
N GLY A 311 5.95 6.31 4.84
CA GLY A 311 4.50 6.58 5.06
C GLY A 311 3.61 6.38 3.85
N ARG A 312 4.17 6.16 2.66
CA ARG A 312 3.35 5.98 1.48
C ARG A 312 2.46 4.74 1.63
N THR A 313 1.31 4.81 0.94
CA THR A 313 0.38 3.74 0.77
C THR A 313 0.38 3.35 -0.70
N TRP A 314 0.48 2.07 -0.94
CA TRP A 314 0.46 1.49 -2.29
C TRP A 314 -0.65 0.47 -2.35
N LYS A 315 -1.53 0.56 -3.32
CA LYS A 315 -2.61 -0.40 -3.47
C LYS A 315 -2.96 -0.55 -4.92
N GLY A 316 -3.67 -1.63 -5.21
CA GLY A 316 -4.22 -1.80 -6.54
C GLY A 316 -5.68 -2.20 -6.44
N ALA A 317 -6.33 -2.29 -7.60
CA ALA A 317 -7.73 -2.72 -7.61
C ALA A 317 -8.10 -3.22 -9.00
N ILE A 318 -9.10 -4.08 -8.98
CA ILE A 318 -9.83 -4.50 -10.17
C ILE A 318 -11.17 -3.77 -10.18
N PHE A 319 -11.55 -3.29 -11.35
CA PHE A 319 -12.93 -2.71 -11.55
C PHE A 319 -13.22 -1.58 -10.54
N GLY A 320 -12.20 -0.77 -10.27
CA GLY A 320 -12.40 0.45 -9.44
C GLY A 320 -12.86 0.15 -8.03
N GLY A 321 -12.65 -1.09 -7.57
CA GLY A 321 -13.09 -1.49 -6.23
C GLY A 321 -14.60 -1.70 -6.13
N PHE A 322 -15.34 -1.58 -7.21
CA PHE A 322 -16.79 -1.74 -7.15
C PHE A 322 -17.22 -3.20 -7.01
N LYS A 323 -18.07 -3.49 -6.05
CA LYS A 323 -18.81 -4.74 -6.00
C LYS A 323 -19.67 -4.76 -7.25
N SER A 324 -19.45 -5.69 -8.12
CA SER A 324 -19.89 -5.48 -9.52
C SER A 324 -21.39 -5.51 -9.71
N LYS A 325 -22.08 -6.48 -9.15
CA LYS A 325 -23.51 -6.62 -9.41
C LYS A 325 -24.30 -5.57 -8.67
N ASP A 326 -23.86 -5.19 -7.48
CA ASP A 326 -24.51 -4.09 -6.77
C ASP A 326 -24.27 -2.78 -7.51
N SER A 327 -23.09 -2.56 -8.00
CA SER A 327 -22.69 -1.22 -8.46
C SER A 327 -23.08 -0.93 -9.90
N VAL A 328 -23.05 -1.88 -10.79
CA VAL A 328 -23.28 -1.59 -12.23
C VAL A 328 -24.67 -0.98 -12.44
N PRO A 329 -25.74 -1.51 -11.84
CA PRO A 329 -27.04 -0.89 -12.10
C PRO A 329 -27.15 0.54 -11.58
N LYS A 330 -26.51 0.81 -10.46
CA LYS A 330 -26.48 2.17 -9.87
C LYS A 330 -25.71 3.09 -10.80
N LEU A 331 -24.56 2.66 -11.27
CA LEU A 331 -23.79 3.50 -12.18
C LEU A 331 -24.58 3.77 -13.44
N VAL A 332 -25.32 2.82 -13.99
CA VAL A 332 -26.16 3.08 -15.15
C VAL A 332 -27.23 4.12 -14.77
N ALA A 333 -27.87 3.96 -13.64
CA ALA A 333 -28.91 4.93 -13.21
C ALA A 333 -28.29 6.34 -13.14
N ASP A 334 -27.10 6.44 -12.58
CA ASP A 334 -26.42 7.71 -12.39
C ASP A 334 -26.08 8.30 -13.74
N PHE A 335 -25.68 7.48 -14.70
CA PHE A 335 -25.40 7.96 -16.06
C PHE A 335 -26.72 8.55 -16.63
N MET A 336 -27.80 7.82 -16.48
CA MET A 336 -29.13 8.22 -16.98
CA MET A 336 -29.03 8.31 -17.11
C MET A 336 -29.49 9.61 -16.44
N ALA A 337 -29.11 9.89 -15.22
CA ALA A 337 -29.34 11.16 -14.48
C ALA A 337 -28.23 12.16 -14.77
N LYS A 338 -27.34 11.90 -15.70
CA LYS A 338 -26.30 12.80 -16.16
C LYS A 338 -25.32 13.11 -15.04
N LYS A 339 -25.06 12.17 -14.16
CA LYS A 339 -24.08 12.40 -13.07
C LYS A 339 -22.65 12.31 -13.56
N PHE A 340 -22.41 11.69 -14.71
CA PHE A 340 -21.07 11.62 -15.38
C PHE A 340 -21.33 11.44 -16.88
N ALA A 341 -20.33 11.64 -17.67
CA ALA A 341 -20.40 11.56 -19.14
C ALA A 341 -19.54 10.38 -19.64
N LEU A 342 -20.04 9.72 -20.65
CA LEU A 342 -19.33 8.66 -21.34
C LEU A 342 -18.85 9.07 -22.72
N ASP A 343 -19.56 9.96 -23.41
CA ASP A 343 -19.19 10.36 -24.76
C ASP A 343 -17.71 10.79 -24.89
N PRO A 344 -17.06 11.45 -23.88
CA PRO A 344 -15.68 11.85 -24.10
C PRO A 344 -14.78 10.61 -24.31
N LEU A 345 -15.19 9.42 -23.83
CA LEU A 345 -14.36 8.24 -24.04
C LEU A 345 -14.52 7.62 -25.42
N ILE A 346 -15.65 7.90 -26.08
CA ILE A 346 -15.99 7.19 -27.33
C ILE A 346 -15.45 8.00 -28.49
N THR A 347 -14.42 7.55 -29.15
CA THR A 347 -13.80 8.23 -30.27
C THR A 347 -14.18 7.65 -31.59
N HIS A 348 -14.59 6.39 -31.64
CA HIS A 348 -14.88 5.69 -32.88
C HIS A 348 -15.99 4.69 -32.65
N VAL A 349 -16.77 4.50 -33.71
CA VAL A 349 -17.83 3.48 -33.72
C VAL A 349 -17.66 2.63 -34.96
N LEU A 350 -17.75 1.31 -34.82
CA LEU A 350 -17.67 0.35 -35.92
C LEU A 350 -18.66 -0.74 -35.73
N PRO A 351 -19.05 -1.40 -36.82
CA PRO A 351 -19.75 -2.66 -36.66
C PRO A 351 -18.79 -3.72 -36.12
N PHE A 352 -19.39 -4.69 -35.46
CA PHE A 352 -18.66 -5.80 -34.89
C PHE A 352 -17.72 -6.46 -35.92
N GLU A 353 -18.23 -6.56 -37.16
CA GLU A 353 -17.49 -7.24 -38.23
C GLU A 353 -16.16 -6.54 -38.53
N LYS A 354 -16.01 -5.29 -38.07
CA LYS A 354 -14.76 -4.53 -38.25
C LYS A 354 -13.96 -4.48 -36.92
N ILE A 355 -14.06 -5.53 -36.13
CA ILE A 355 -13.28 -5.65 -34.87
C ILE A 355 -11.79 -5.47 -35.12
N ASN A 356 -11.23 -6.09 -36.15
CA ASN A 356 -9.76 -5.99 -36.35
C ASN A 356 -9.36 -4.53 -36.60
N GLU A 357 -10.14 -3.77 -37.36
CA GLU A 357 -9.90 -2.32 -37.56
C GLU A 357 -9.97 -1.63 -36.20
N GLY A 358 -10.90 -2.02 -35.37
CA GLY A 358 -10.94 -1.41 -34.02
C GLY A 358 -9.71 -1.65 -33.21
N PHE A 359 -9.14 -2.83 -33.26
CA PHE A 359 -7.86 -3.09 -32.61
C PHE A 359 -6.74 -2.28 -33.24
N ASP A 360 -6.73 -2.17 -34.55
CA ASP A 360 -5.69 -1.39 -35.27
C ASP A 360 -5.72 0.06 -34.74
N LEU A 361 -6.91 0.62 -34.55
CA LEU A 361 -7.08 2.01 -34.06
C LEU A 361 -6.53 2.13 -32.64
N LEU A 362 -6.73 1.14 -31.80
CA LEU A 362 -6.21 1.21 -30.43
C LEU A 362 -4.68 1.13 -30.53
N ARG A 363 -4.18 0.16 -31.28
CA ARG A 363 -2.70 -0.05 -31.30
C ARG A 363 -1.97 1.15 -31.92
N SER A 364 -2.55 1.86 -32.88
CA SER A 364 -1.91 3.00 -33.54
C SER A 364 -1.82 4.17 -32.58
N GLY A 365 -2.57 4.17 -31.47
CA GLY A 365 -2.65 5.35 -30.62
C GLY A 365 -3.79 6.28 -30.96
C GLY A 365 -3.80 6.28 -30.95
N GLU A 366 -4.53 6.06 -32.05
N GLU A 366 -4.62 5.95 -31.95
CA GLU A 366 -5.59 7.00 -32.47
CA GLU A 366 -5.57 6.91 -32.55
C GLU A 366 -6.81 6.98 -31.52
C GLU A 366 -6.96 6.87 -31.88
N SER A 367 -7.30 5.81 -31.13
N SER A 367 -7.29 5.84 -31.12
CA SER A 367 -8.60 5.73 -30.43
C SER A 367 -8.39 5.87 -28.92
N ILE A 368 -9.47 6.15 -28.25
CA ILE A 368 -9.68 5.88 -26.81
C ILE A 368 -10.54 4.64 -26.74
N ARG A 369 -11.85 4.78 -26.87
CA ARG A 369 -12.76 3.61 -26.97
C ARG A 369 -13.40 3.61 -28.36
N THR A 370 -13.25 2.48 -29.00
CA THR A 370 -14.09 2.10 -30.14
C THR A 370 -15.20 1.24 -29.60
N ILE A 371 -16.43 1.56 -29.93
CA ILE A 371 -17.63 0.77 -29.58
C ILE A 371 -18.06 0.00 -30.83
N LEU A 372 -18.15 -1.33 -30.68
CA LEU A 372 -18.57 -2.24 -31.76
C LEU A 372 -20.06 -2.52 -31.54
N THR A 373 -20.85 -2.43 -32.65
CA THR A 373 -22.27 -2.72 -32.67
C THR A 373 -22.53 -4.03 -33.39
N PHE A 374 -23.33 -4.87 -32.75
CA PHE A 374 -23.73 -6.18 -33.30
C PHE A 374 -24.86 -6.05 -34.29
N SER B 1 26.71 25.34 38.98
CA SER B 1 25.89 25.52 37.75
C SER B 1 26.65 25.00 36.52
N THR B 2 25.94 24.43 35.58
CA THR B 2 26.47 23.95 34.28
C THR B 2 25.93 24.85 33.17
N ALA B 3 24.79 25.50 33.39
CA ALA B 3 24.15 26.29 32.32
C ALA B 3 25.18 27.25 31.69
N GLY B 4 25.19 27.31 30.35
CA GLY B 4 26.01 28.22 29.54
C GLY B 4 27.42 27.70 29.40
N LYS B 5 27.75 26.59 30.04
CA LYS B 5 29.12 26.04 30.06
C LYS B 5 29.20 24.75 29.26
N VAL B 6 30.34 24.43 28.73
CA VAL B 6 30.64 23.08 28.21
C VAL B 6 30.57 22.08 29.35
N ILE B 7 29.88 20.98 29.12
CA ILE B 7 29.85 19.85 30.07
C ILE B 7 30.78 18.79 29.56
N LYS B 8 31.64 18.29 30.43
CA LYS B 8 32.44 17.09 30.15
C LYS B 8 31.71 15.94 30.85
N CYS B 9 31.31 14.95 30.10
CA CYS B 9 30.54 13.83 30.61
C CYS B 9 30.91 12.53 29.89
N LYS B 10 30.30 11.49 30.41
CA LYS B 10 30.50 10.20 29.80
C LYS B 10 29.50 9.90 28.63
N ALA B 11 30.00 9.28 27.53
CA ALA B 11 29.13 8.86 26.43
C ALA B 11 29.64 7.59 25.76
N ALA B 12 28.77 6.93 24.98
CA ALA B 12 29.16 5.74 24.24
C ALA B 12 29.39 6.16 22.77
N VAL B 13 30.64 6.24 22.39
CA VAL B 13 30.97 6.77 21.06
C VAL B 13 31.16 5.57 20.15
N LEU B 14 30.55 5.60 18.98
CA LEU B 14 30.81 4.60 17.95
C LEU B 14 31.80 5.16 16.91
N TRP B 15 33.05 4.73 16.92
CA TRP B 15 34.09 5.31 16.06
C TRP B 15 34.03 4.69 14.67
N GLU B 16 33.61 3.43 14.53
CA GLU B 16 33.56 2.78 13.21
C GLU B 16 32.57 1.61 13.26
N GLU B 17 32.16 1.11 12.10
CA GLU B 17 31.10 0.08 12.05
C GLU B 17 31.69 -1.19 12.65
N LYS B 18 30.83 -2.03 13.19
CA LYS B 18 31.15 -3.41 13.61
C LYS B 18 32.22 -3.44 14.69
N LYS B 19 32.23 -2.44 15.53
CA LYS B 19 33.12 -2.41 16.69
C LYS B 19 32.25 -2.12 17.91
N PRO B 20 32.69 -2.54 19.10
CA PRO B 20 32.07 -2.08 20.33
C PRO B 20 32.01 -0.57 20.47
N PHE B 21 31.01 -0.11 21.22
CA PHE B 21 30.95 1.30 21.65
C PHE B 21 32.15 1.55 22.54
N SER B 22 32.69 2.76 22.48
CA SER B 22 33.74 3.22 23.39
C SER B 22 33.12 4.14 24.41
N ILE B 23 33.16 3.74 25.67
CA ILE B 23 32.58 4.52 26.80
C ILE B 23 33.69 5.50 27.24
N GLU B 24 33.58 6.77 26.90
CA GLU B 24 34.59 7.74 27.34
C GLU B 24 34.06 9.15 27.43
N GLU B 25 34.92 10.07 27.82
CA GLU B 25 34.57 11.47 28.08
C GLU B 25 34.41 12.16 26.72
N VAL B 26 33.32 12.89 26.66
CA VAL B 26 33.00 13.83 25.56
C VAL B 26 32.76 15.19 26.18
N GLU B 27 32.83 16.19 25.31
CA GLU B 27 32.43 17.56 25.66
C GLU B 27 31.12 17.83 24.94
N VAL B 28 30.22 18.38 25.69
CA VAL B 28 28.84 18.72 25.23
C VAL B 28 28.72 20.23 25.33
N ALA B 29 28.61 20.88 24.19
CA ALA B 29 28.45 22.33 24.16
C ALA B 29 27.11 22.74 24.77
N PRO B 30 26.99 23.98 25.24
CA PRO B 30 25.70 24.50 25.67
C PRO B 30 24.77 24.63 24.47
N PRO B 31 23.47 24.64 24.74
CA PRO B 31 22.45 24.78 23.71
C PRO B 31 22.46 26.20 23.14
N LYS B 32 22.35 26.29 21.80
CA LYS B 32 22.18 27.54 21.06
C LYS B 32 20.69 27.86 21.02
N ALA B 33 20.32 28.87 20.25
CA ALA B 33 18.92 29.29 20.24
C ALA B 33 18.08 28.07 19.82
N HIS B 34 16.96 27.96 20.44
CA HIS B 34 15.94 26.92 20.13
C HIS B 34 16.51 25.51 20.31
N GLU B 35 17.49 25.35 21.19
CA GLU B 35 18.02 24.05 21.55
C GLU B 35 17.92 23.77 23.03
N VAL B 36 17.96 22.49 23.36
CA VAL B 36 17.69 22.01 24.73
C VAL B 36 18.77 21.01 25.11
N ARG B 37 19.40 21.21 26.27
CA ARG B 37 20.38 20.22 26.76
C ARG B 37 19.76 19.41 27.91
N ILE B 38 19.87 18.10 27.76
CA ILE B 38 19.13 17.12 28.59
C ILE B 38 20.13 16.19 29.30
N LYS B 39 19.93 16.04 30.61
CA LYS B 39 20.62 15.00 31.39
C LYS B 39 19.82 13.70 31.21
N MET B 40 20.45 12.72 30.60
CA MET B 40 19.75 11.46 30.35
CA MET B 40 19.80 11.41 30.33
C MET B 40 19.56 10.63 31.61
N VAL B 41 18.40 9.99 31.71
CA VAL B 41 18.03 9.12 32.86
C VAL B 41 18.02 7.64 32.46
N ALA B 42 17.40 7.29 31.34
CA ALA B 42 17.31 5.90 30.88
C ALA B 42 17.25 5.93 29.35
N THR B 43 17.81 4.90 28.75
CA THR B 43 17.71 4.68 27.32
C THR B 43 17.54 3.21 27.03
N GLY B 44 16.65 2.88 26.08
CA GLY B 44 16.52 1.52 25.61
C GLY B 44 17.52 1.24 24.52
N ILE B 45 17.75 -0.05 24.29
CA ILE B 45 18.54 -0.56 23.14
C ILE B 45 17.56 -1.13 22.09
N CYS B 46 17.40 -0.37 21.01
CA CYS B 46 16.51 -0.71 19.87
C CYS B 46 17.35 -1.38 18.77
N ARG B 47 16.76 -2.33 18.05
CA ARG B 47 17.48 -2.97 16.94
C ARG B 47 18.01 -1.92 15.95
N SER B 48 17.30 -0.80 15.79
CA SER B 48 17.78 0.23 14.84
C SER B 48 19.16 0.75 15.26
N ASP B 49 19.43 0.86 16.56
CA ASP B 49 20.78 1.22 17.01
C ASP B 49 21.80 0.17 16.56
N ASP B 50 21.44 -1.10 16.71
CA ASP B 50 22.32 -2.20 16.23
C ASP B 50 22.55 -2.09 14.74
N HIS B 51 21.54 -1.68 13.97
CA HIS B 51 21.69 -1.52 12.50
C HIS B 51 22.86 -0.55 12.17
N VAL B 52 23.05 0.50 12.98
CA VAL B 52 24.14 1.50 12.76
C VAL B 52 25.46 0.77 12.98
N VAL B 53 25.53 -0.06 14.02
CA VAL B 53 26.76 -0.85 14.25
C VAL B 53 26.99 -1.84 13.12
N SER B 54 25.94 -2.52 12.66
CA SER B 54 26.11 -3.59 11.67
C SER B 54 26.32 -3.05 10.23
N GLY B 55 26.07 -1.77 9.98
CA GLY B 55 26.05 -1.21 8.61
C GLY B 55 24.74 -1.46 7.87
N THR B 56 23.76 -2.10 8.46
CA THR B 56 22.39 -2.20 7.87
C THR B 56 21.86 -0.78 7.62
N LEU B 57 22.07 0.17 8.54
CA LEU B 57 21.72 1.60 8.42
C LEU B 57 23.01 2.39 8.27
N VAL B 58 23.06 3.24 7.28
CA VAL B 58 24.16 4.18 7.03
C VAL B 58 23.86 5.54 7.63
N THR B 59 24.79 6.04 8.46
CA THR B 59 24.69 7.37 9.08
C THR B 59 26.13 7.79 9.34
N PRO B 60 26.45 9.10 9.23
CA PRO B 60 27.84 9.51 9.38
C PRO B 60 28.43 9.11 10.73
N LEU B 61 29.65 8.58 10.67
CA LEU B 61 30.46 8.20 11.84
C LEU B 61 31.68 9.11 11.92
N PRO B 62 32.29 9.30 13.10
CA PRO B 62 31.87 8.69 14.36
C PRO B 62 30.54 9.28 14.84
N VAL B 63 29.85 8.57 15.75
CA VAL B 63 28.51 8.99 16.18
C VAL B 63 28.22 8.61 17.62
N ILE B 64 27.40 9.43 18.24
CA ILE B 64 26.68 9.08 19.48
C ILE B 64 25.29 8.60 19.02
N ALA B 65 25.09 7.28 19.05
CA ALA B 65 23.78 6.72 18.68
C ALA B 65 22.88 6.77 19.91
N GLY B 66 21.81 6.00 19.78
CA GLY B 66 20.77 5.99 20.79
C GLY B 66 19.66 6.93 20.38
N HIS B 67 18.44 6.44 20.46
CA HIS B 67 17.25 7.22 20.07
C HIS B 67 16.00 6.96 20.89
N GLU B 68 16.04 6.04 21.87
CA GLU B 68 14.89 5.60 22.66
C GLU B 68 15.12 5.95 24.11
N ALA B 69 14.81 7.14 24.56
CA ALA B 69 15.28 7.57 25.87
C ALA B 69 14.32 8.53 26.53
N ALA B 70 14.68 8.87 27.76
CA ALA B 70 14.07 9.94 28.53
C ALA B 70 15.07 10.55 29.50
N GLY B 71 14.87 11.82 29.80
CA GLY B 71 15.77 12.51 30.73
C GLY B 71 15.14 13.77 31.29
N ILE B 72 15.99 14.64 31.84
CA ILE B 72 15.58 15.86 32.53
C ILE B 72 16.35 17.05 31.96
N VAL B 73 15.63 18.08 31.60
CA VAL B 73 16.22 19.29 31.01
C VAL B 73 17.21 19.90 31.99
N GLU B 74 18.45 20.05 31.52
CA GLU B 74 19.48 20.81 32.28
C GLU B 74 19.45 22.29 31.96
N SER B 75 19.29 22.66 30.68
CA SER B 75 19.22 24.09 30.29
C SER B 75 18.55 24.21 28.92
N ILE B 76 18.16 25.42 28.60
CA ILE B 76 17.50 25.75 27.32
C ILE B 76 18.17 26.96 26.70
N GLY B 77 18.26 26.91 25.39
CA GLY B 77 18.70 28.07 24.60
C GLY B 77 17.66 29.14 24.51
N GLU B 78 18.12 30.28 24.01
CA GLU B 78 17.24 31.41 23.79
C GLU B 78 16.07 30.97 22.90
N GLY B 79 14.90 31.39 23.31
CA GLY B 79 13.70 31.26 22.49
C GLY B 79 12.97 29.96 22.63
N VAL B 80 13.43 29.07 23.48
CA VAL B 80 12.69 27.81 23.79
C VAL B 80 11.49 28.16 24.65
N THR B 81 10.32 27.64 24.32
CA THR B 81 9.03 27.95 24.98
C THR B 81 8.33 26.69 25.47
N THR B 82 8.78 25.49 25.05
CA THR B 82 7.99 24.26 25.22
C THR B 82 8.50 23.38 26.36
N VAL B 83 9.71 23.65 26.85
CA VAL B 83 10.29 22.89 27.99
C VAL B 83 11.08 23.90 28.81
N ARG B 84 11.35 23.53 30.04
CA ARG B 84 12.11 24.37 31.00
C ARG B 84 13.04 23.46 31.77
N PRO B 85 14.14 24.02 32.33
CA PRO B 85 15.01 23.25 33.19
C PRO B 85 14.24 22.51 34.29
N GLY B 86 14.56 21.23 34.48
CA GLY B 86 13.90 20.36 35.47
C GLY B 86 12.78 19.50 34.89
N ASP B 87 12.36 19.81 33.67
CA ASP B 87 11.23 19.04 33.07
C ASP B 87 11.73 17.64 32.71
N LYS B 88 10.87 16.66 32.88
CA LYS B 88 11.07 15.34 32.25
C LYS B 88 10.72 15.52 30.76
N VAL B 89 11.56 14.87 29.97
CA VAL B 89 11.42 14.99 28.49
C VAL B 89 11.78 13.68 27.81
N ILE B 90 11.17 13.51 26.65
CA ILE B 90 11.58 12.48 25.66
C ILE B 90 12.08 13.13 24.40
N PRO B 91 13.34 12.77 24.02
CA PRO B 91 13.82 13.18 22.71
C PRO B 91 13.01 12.47 21.66
N LEU B 92 12.76 13.16 20.55
CA LEU B 92 11.91 12.69 19.45
C LEU B 92 12.81 12.44 18.25
N PHE B 93 12.96 11.18 17.88
CA PHE B 93 13.82 10.83 16.74
C PHE B 93 13.18 11.20 15.39
N THR B 94 11.87 11.38 15.39
CA THR B 94 11.14 12.00 14.31
C THR B 94 10.67 13.31 14.87
N PRO B 95 11.15 14.44 14.31
CA PRO B 95 10.73 15.70 14.86
C PRO B 95 9.31 16.07 14.52
N GLN B 96 8.82 17.13 15.11
CA GLN B 96 7.52 17.73 14.74
C GLN B 96 7.70 19.25 14.66
N CYS B 97 8.08 19.75 13.49
CA CYS B 97 8.36 21.20 13.36
C CYS B 97 7.04 21.96 13.42
N GLY B 98 5.95 21.36 13.01
CA GLY B 98 4.64 22.02 13.04
C GLY B 98 4.39 22.91 11.81
N LYS B 99 5.39 23.13 10.96
CA LYS B 99 5.27 24.15 9.91
C LYS B 99 5.29 23.54 8.51
N CYS B 100 5.83 22.34 8.33
CA CYS B 100 6.01 21.77 6.99
C CYS B 100 4.68 21.13 6.53
N ARG B 101 4.68 20.78 5.26
CA ARG B 101 3.42 20.27 4.65
C ARG B 101 3.02 18.96 5.35
N VAL B 102 3.99 18.19 5.79
CA VAL B 102 3.67 16.90 6.49
C VAL B 102 3.11 17.18 7.85
N CYS B 103 3.73 18.05 8.66
CA CYS B 103 3.25 18.36 9.98
C CYS B 103 1.83 18.91 9.94
N LYS B 104 1.53 19.67 8.85
CA LYS B 104 0.18 20.27 8.67
C LYS B 104 -0.86 19.25 8.15
N HIS B 105 -0.44 18.10 7.67
CA HIS B 105 -1.33 17.11 7.05
C HIS B 105 -1.93 16.25 8.15
N PRO B 106 -3.25 15.93 8.11
CA PRO B 106 -3.84 15.19 9.24
C PRO B 106 -3.24 13.82 9.46
N GLU B 107 -2.71 13.17 8.41
CA GLU B 107 -2.19 11.78 8.49
CA GLU B 107 -2.23 11.78 8.55
C GLU B 107 -0.66 11.67 8.31
C GLU B 107 -0.71 11.83 8.84
N GLY B 108 -0.01 12.78 8.25
N GLY B 108 -0.02 12.71 8.13
CA GLY B 108 1.46 12.80 8.07
C GLY B 108 2.17 12.84 9.42
N ASN B 109 3.26 12.10 9.54
CA ASN B 109 4.13 12.30 10.75
C ASN B 109 5.60 12.42 10.39
N PHE B 110 6.00 12.16 9.19
CA PHE B 110 7.41 12.04 8.86
C PHE B 110 7.88 13.46 8.48
N CYS B 111 8.02 14.30 9.47
CA CYS B 111 8.35 15.73 9.35
C CYS B 111 9.55 15.89 8.43
N LEU B 112 9.50 16.93 7.58
CA LEU B 112 10.57 17.16 6.60
C LEU B 112 11.87 17.59 7.26
N LYS B 113 11.84 17.93 8.55
CA LYS B 113 13.08 18.30 9.29
C LYS B 113 13.82 17.04 9.75
N ASN B 114 13.32 15.85 9.50
CA ASN B 114 13.92 14.60 9.99
C ASN B 114 15.35 14.49 9.42
N ASP B 115 16.15 13.69 10.13
CA ASP B 115 17.53 13.33 9.79
C ASP B 115 17.61 11.84 9.46
N LEU B 116 16.51 11.23 9.05
N LEU B 116 16.49 11.29 9.06
CA LEU B 116 16.52 9.78 8.65
CA LEU B 116 16.39 9.83 8.85
C LEU B 116 16.81 9.61 7.15
C LEU B 116 16.56 9.51 7.36
N SER B 117 16.02 10.25 6.29
N SER B 117 16.12 10.39 6.45
CA SER B 117 16.10 9.96 4.82
CA SER B 117 16.09 10.08 4.99
C SER B 117 17.54 10.01 4.32
C SER B 117 17.34 10.51 4.24
N MET B 118 18.19 11.13 4.60
N MET B 118 18.12 11.45 4.74
CA MET B 118 19.50 11.60 4.04
CA MET B 118 19.40 11.77 4.08
C MET B 118 20.32 12.16 5.23
N PRO B 119 20.77 11.23 6.09
CA PRO B 119 21.32 11.66 7.38
C PRO B 119 22.58 12.52 7.24
N ARG B 120 22.56 13.64 7.95
CA ARG B 120 23.70 14.58 8.07
C ARG B 120 24.38 14.29 9.43
N GLY B 121 23.66 13.75 10.43
CA GLY B 121 24.25 13.53 11.75
C GLY B 121 24.68 14.83 12.43
N THR B 122 23.83 15.85 12.35
CA THR B 122 24.02 17.16 12.99
C THR B 122 22.76 17.61 13.75
N MET B 123 22.88 18.75 14.38
CA MET B 123 21.76 19.60 14.81
C MET B 123 21.06 20.14 13.53
N GLN B 124 19.94 20.80 13.74
CA GLN B 124 19.21 21.48 12.62
C GLN B 124 20.15 22.47 11.89
N ASP B 125 21.07 23.12 12.60
CA ASP B 125 21.89 24.21 12.01
C ASP B 125 23.09 23.62 11.29
N GLY B 126 23.16 22.29 11.20
CA GLY B 126 24.21 21.61 10.44
C GLY B 126 25.55 21.50 11.15
N THR B 127 25.56 21.73 12.44
CA THR B 127 26.78 21.63 13.27
C THR B 127 26.52 20.61 14.38
N SER B 128 27.59 20.22 15.04
CA SER B 128 27.56 19.24 16.15
C SER B 128 27.88 19.92 17.49
N ARG B 129 27.22 19.44 18.52
CA ARG B 129 27.48 19.88 19.89
C ARG B 129 28.47 18.98 20.63
N PHE B 130 29.00 17.96 19.97
CA PHE B 130 29.81 16.91 20.62
C PHE B 130 31.24 16.94 20.12
N THR B 131 32.16 16.88 21.07
CA THR B 131 33.54 16.52 20.66
CA THR B 131 33.62 16.70 20.81
C THR B 131 34.09 15.46 21.59
N CYS B 132 35.04 14.73 21.06
CA CYS B 132 35.71 13.60 21.75
C CYS B 132 37.13 13.52 21.23
N ARG B 133 38.09 13.59 22.17
CA ARG B 133 39.54 13.60 21.92
C ARG B 133 39.84 14.61 20.83
N GLY B 134 39.21 15.77 20.92
CA GLY B 134 39.51 16.88 19.99
C GLY B 134 38.81 16.75 18.65
N LYS B 135 37.98 15.72 18.43
CA LYS B 135 37.33 15.48 17.11
C LYS B 135 35.84 15.74 17.27
N PRO B 136 35.18 16.37 16.28
CA PRO B 136 33.72 16.48 16.24
C PRO B 136 33.11 15.06 16.09
N ILE B 137 32.01 14.86 16.80
CA ILE B 137 31.27 13.59 16.76
C ILE B 137 29.85 13.87 16.26
N HIS B 138 29.37 13.02 15.36
CA HIS B 138 28.01 13.18 14.80
C HIS B 138 26.92 12.87 15.82
N HIS B 139 25.81 13.58 15.65
CA HIS B 139 24.52 13.23 16.23
C HIS B 139 23.88 12.08 15.46
N PHE B 140 22.80 11.54 16.04
CA PHE B 140 22.03 10.47 15.40
C PHE B 140 20.55 10.79 15.58
N LEU B 141 19.92 10.99 14.43
CA LEU B 141 18.46 11.29 14.37
C LEU B 141 18.08 12.47 15.24
N GLY B 142 19.00 13.43 15.46
CA GLY B 142 18.68 14.61 16.29
C GLY B 142 18.51 14.24 17.74
N THR B 143 18.92 13.04 18.15
CA THR B 143 18.70 12.62 19.55
C THR B 143 20.01 12.30 20.26
N SER B 144 20.72 11.29 19.91
CA SER B 144 22.01 10.91 20.51
C SER B 144 21.87 10.65 22.01
N THR B 145 21.19 9.60 22.35
CA THR B 145 20.82 9.32 23.73
C THR B 145 21.82 8.46 24.49
N PHE B 146 22.83 7.92 23.81
CA PHE B 146 23.87 7.10 24.46
C PHE B 146 24.94 8.04 25.06
N SER B 147 24.53 8.99 25.88
CA SER B 147 25.40 10.02 26.48
C SER B 147 24.76 10.50 27.76
N GLN B 148 25.54 10.83 28.77
CA GLN B 148 24.94 11.38 30.02
C GLN B 148 24.22 12.67 29.74
N TYR B 149 24.70 13.44 28.74
CA TYR B 149 24.01 14.67 28.32
C TYR B 149 23.96 14.69 26.80
N THR B 150 22.84 15.20 26.30
CA THR B 150 22.69 15.48 24.84
C THR B 150 22.14 16.91 24.72
N VAL B 151 22.18 17.35 23.45
CA VAL B 151 21.57 18.63 23.00
C VAL B 151 20.70 18.27 21.79
N VAL B 152 19.44 18.73 21.89
CA VAL B 152 18.48 18.47 20.84
C VAL B 152 17.84 19.78 20.42
N ASP B 153 17.34 19.82 19.20
CA ASP B 153 16.54 20.96 18.74
C ASP B 153 15.19 20.89 19.46
N GLU B 154 14.57 22.02 19.69
CA GLU B 154 13.27 22.04 20.37
C GLU B 154 12.21 21.21 19.65
N ILE B 155 12.23 21.19 18.34
CA ILE B 155 11.23 20.39 17.57
C ILE B 155 11.42 18.89 17.78
N SER B 156 12.55 18.48 18.40
CA SER B 156 12.90 17.08 18.67
C SER B 156 12.84 16.81 20.17
N VAL B 157 12.00 17.48 20.93
CA VAL B 157 11.81 17.13 22.34
C VAL B 157 10.37 17.39 22.76
N ALA B 158 9.87 16.51 23.59
CA ALA B 158 8.52 16.65 24.18
C ALA B 158 8.63 16.62 25.70
N LYS B 159 7.94 17.51 26.31
CA LYS B 159 7.72 17.51 27.77
C LYS B 159 6.70 16.44 28.16
N ILE B 160 7.02 15.72 29.23
CA ILE B 160 6.16 14.63 29.71
C ILE B 160 5.85 14.80 31.21
N ASP B 161 4.93 14.04 31.70
CA ASP B 161 4.42 14.05 33.09
CA ASP B 161 4.42 14.18 33.08
C ASP B 161 5.60 14.11 34.07
N ALA B 162 5.64 15.07 34.98
CA ALA B 162 6.73 15.19 35.98
C ALA B 162 6.81 13.97 36.87
N ALA B 163 5.73 13.21 37.01
CA ALA B 163 5.75 11.98 37.87
CA ALA B 163 5.76 12.00 37.90
C ALA B 163 6.03 10.73 37.02
C ALA B 163 6.12 10.71 37.13
N SER B 164 6.59 10.86 35.81
N SER B 164 6.19 10.74 35.80
CA SER B 164 6.81 9.73 34.88
CA SER B 164 6.35 9.48 35.07
C SER B 164 7.94 8.81 35.36
C SER B 164 7.68 8.83 35.44
N PRO B 165 7.79 7.48 35.38
N PRO B 165 7.76 7.48 35.40
CA PRO B 165 8.95 6.67 35.66
C PRO B 165 9.79 6.52 34.39
N LEU B 166 10.92 7.20 34.34
CA LEU B 166 11.65 7.36 33.08
C LEU B 166 12.31 6.07 32.64
N GLU B 167 12.56 5.18 33.59
CA GLU B 167 13.10 3.86 33.29
C GLU B 167 12.06 2.96 32.60
N LYS B 168 10.79 3.32 32.59
CA LYS B 168 9.79 2.59 31.80
C LYS B 168 9.40 3.39 30.55
N VAL B 169 9.08 4.68 30.72
CA VAL B 169 8.47 5.51 29.63
C VAL B 169 9.49 5.79 28.55
N CYS B 170 10.77 5.59 28.74
CA CYS B 170 11.72 5.68 27.63
C CYS B 170 11.28 4.82 26.43
N LEU B 171 10.52 3.72 26.66
CA LEU B 171 10.10 2.90 25.53
C LEU B 171 9.06 3.61 24.66
N ILE B 172 8.37 4.59 25.17
CA ILE B 172 7.45 5.38 24.35
C ILE B 172 8.25 6.18 23.32
N ALA B 173 9.55 6.40 23.52
CA ALA B 173 10.37 7.11 22.53
C ALA B 173 10.59 6.31 21.26
N CYS B 174 10.40 5.01 21.24
CA CYS B 174 10.52 4.30 19.96
C CYS B 174 9.71 3.02 19.94
N GLY B 175 10.13 2.02 20.65
CA GLY B 175 9.66 0.69 20.27
C GLY B 175 8.19 0.48 20.63
N PHE B 176 7.70 0.89 21.82
CA PHE B 176 6.27 0.72 22.16
C PHE B 176 5.42 1.52 21.14
N SER B 177 5.67 2.80 21.04
CA SER B 177 4.81 3.68 20.24
C SER B 177 4.83 3.22 18.78
N THR B 178 5.96 2.80 18.28
CA THR B 178 6.05 2.35 16.88
C THR B 178 5.12 1.15 16.70
N GLY B 179 5.24 0.13 17.53
CA GLY B 179 4.46 -1.07 17.27
C GLY B 179 3.03 -0.82 17.52
N TYR B 180 2.71 -0.19 18.64
CA TYR B 180 1.30 0.05 19.01
C TYR B 180 0.61 0.87 17.92
N GLY B 181 1.22 2.00 17.52
CA GLY B 181 0.67 2.85 16.47
C GLY B 181 0.60 2.14 15.13
N SER B 182 1.55 1.32 14.81
CA SER B 182 1.52 0.57 13.54
C SER B 182 0.20 -0.24 13.49
N ALA B 183 -0.25 -0.80 14.59
CA ALA B 183 -1.52 -1.54 14.62
C ALA B 183 -2.74 -0.62 14.68
N VAL B 184 -2.75 0.30 15.62
CA VAL B 184 -4.00 1.04 15.90
C VAL B 184 -4.19 2.21 14.94
N LYS B 185 -3.15 2.84 14.49
CA LYS B 185 -3.22 4.05 13.68
C LYS B 185 -2.91 3.77 12.21
N VAL B 186 -1.86 3.05 11.89
CA VAL B 186 -1.43 2.89 10.49
C VAL B 186 -2.27 1.77 9.85
N ALA B 187 -2.33 0.57 10.42
CA ALA B 187 -3.16 -0.51 9.88
C ALA B 187 -4.65 -0.19 10.17
N LYS B 188 -4.95 0.36 11.32
CA LYS B 188 -6.35 0.52 11.76
CA LYS B 188 -6.32 0.50 11.88
C LYS B 188 -6.97 -0.87 11.91
N VAL B 189 -6.31 -1.75 12.64
CA VAL B 189 -6.86 -3.09 12.95
C VAL B 189 -8.29 -2.95 13.48
N THR B 190 -9.15 -3.86 13.04
CA THR B 190 -10.56 -3.92 13.31
C THR B 190 -10.89 -5.01 14.34
N GLN B 191 -11.99 -4.75 15.03
CA GLN B 191 -12.51 -5.73 15.97
C GLN B 191 -12.84 -7.03 15.21
N GLY B 192 -12.43 -8.15 15.75
CA GLY B 192 -12.80 -9.45 15.22
C GLY B 192 -11.86 -9.93 14.13
N SER B 193 -10.86 -9.15 13.78
CA SER B 193 -9.98 -9.46 12.65
C SER B 193 -8.93 -10.48 13.01
N THR B 194 -8.24 -10.95 11.98
CA THR B 194 -7.11 -11.84 12.11
C THR B 194 -5.85 -11.11 11.67
N CYS B 195 -4.84 -11.08 12.54
CA CYS B 195 -3.59 -10.38 12.29
C CYS B 195 -2.44 -11.38 12.27
N ALA B 196 -1.39 -11.12 11.51
CA ALA B 196 -0.11 -11.86 11.54
C ALA B 196 1.00 -10.87 11.79
N VAL B 197 1.82 -11.16 12.79
CA VAL B 197 2.95 -10.29 13.20
C VAL B 197 4.27 -11.03 12.98
N PHE B 198 5.08 -10.55 12.05
CA PHE B 198 6.39 -11.17 11.74
C PHE B 198 7.46 -10.42 12.54
N GLY B 199 8.05 -11.17 13.48
CA GLY B 199 9.08 -10.59 14.36
C GLY B 199 8.50 -10.30 15.70
N LEU B 200 9.04 -10.98 16.74
CA LEU B 200 8.46 -10.90 18.10
C LEU B 200 9.46 -10.31 19.08
N GLY B 201 10.15 -9.28 18.64
CA GLY B 201 10.97 -8.40 19.49
C GLY B 201 10.15 -7.33 20.17
N GLY B 202 10.81 -6.34 20.70
CA GLY B 202 10.11 -5.27 21.42
C GLY B 202 9.08 -4.60 20.53
N VAL B 203 9.44 -4.38 19.26
CA VAL B 203 8.45 -3.70 18.39
C VAL B 203 7.29 -4.65 18.05
N GLY B 204 7.61 -5.85 17.66
CA GLY B 204 6.55 -6.83 17.32
C GLY B 204 5.62 -7.08 18.45
N LEU B 205 6.16 -7.20 19.66
CA LEU B 205 5.28 -7.35 20.84
C LEU B 205 4.36 -6.16 21.03
N SER B 206 4.87 -4.98 20.72
CA SER B 206 4.02 -3.78 20.84
C SER B 206 2.93 -3.76 19.74
N VAL B 207 3.25 -4.28 18.56
CA VAL B 207 2.21 -4.50 17.52
C VAL B 207 1.15 -5.43 18.05
N ILE B 208 1.55 -6.53 18.67
CA ILE B 208 0.55 -7.47 19.29
C ILE B 208 -0.31 -6.71 20.27
N MET B 209 0.32 -5.94 21.18
CA MET B 209 -0.42 -5.18 22.17
C MET B 209 -1.46 -4.33 21.44
N GLY B 210 -1.07 -3.62 20.36
CA GLY B 210 -2.03 -2.79 19.63
C GLY B 210 -3.16 -3.62 18.99
N CYS B 211 -2.80 -4.75 18.37
CA CYS B 211 -3.81 -5.59 17.73
C CYS B 211 -4.84 -6.06 18.77
N LYS B 212 -4.40 -6.47 19.96
CA LYS B 212 -5.32 -6.88 21.05
C LYS B 212 -6.16 -5.69 21.52
N ALA B 213 -5.54 -4.53 21.68
CA ALA B 213 -6.29 -3.33 22.13
C ALA B 213 -7.38 -3.00 21.11
N ALA B 214 -7.14 -3.24 19.83
CA ALA B 214 -8.06 -2.93 18.72
C ALA B 214 -9.12 -4.04 18.62
N GLY B 215 -9.02 -5.12 19.38
CA GLY B 215 -10.06 -6.17 19.40
C GLY B 215 -9.86 -7.28 18.42
N ALA B 216 -8.68 -7.46 17.88
CA ALA B 216 -8.50 -8.57 16.93
C ALA B 216 -8.90 -9.86 17.60
N ALA B 217 -9.49 -10.79 16.84
CA ALA B 217 -9.90 -12.11 17.41
C ALA B 217 -8.71 -13.07 17.36
N ARG B 218 -7.85 -12.95 16.37
CA ARG B 218 -6.71 -13.86 16.20
C ARG B 218 -5.49 -13.00 15.96
N ILE B 219 -4.40 -13.36 16.60
CA ILE B 219 -3.12 -12.67 16.41
C ILE B 219 -2.02 -13.73 16.31
N ILE B 220 -1.54 -13.97 15.13
CA ILE B 220 -0.58 -15.05 14.88
C ILE B 220 0.82 -14.42 14.89
N GLY B 221 1.61 -14.81 15.87
CA GLY B 221 3.03 -14.39 15.93
C GLY B 221 3.89 -15.30 15.08
N VAL B 222 4.84 -14.75 14.38
CA VAL B 222 5.73 -15.52 13.49
C VAL B 222 7.14 -15.14 13.91
N ASP B 223 7.96 -16.12 14.29
CA ASP B 223 9.38 -15.88 14.56
C ASP B 223 10.16 -17.17 14.34
N ILE B 224 11.41 -17.06 13.92
CA ILE B 224 12.33 -18.23 13.80
C ILE B 224 12.96 -18.58 15.14
N ASN B 225 12.76 -17.79 16.15
CA ASN B 225 13.25 -18.06 17.53
C ASN B 225 12.04 -18.37 18.39
N LYS B 226 11.82 -19.66 18.65
CA LYS B 226 10.65 -20.11 19.41
C LYS B 226 10.72 -19.62 20.88
N ASP B 227 11.88 -19.19 21.36
CA ASP B 227 11.97 -18.67 22.72
C ASP B 227 11.20 -17.37 22.86
N LYS B 228 10.79 -16.76 21.74
CA LYS B 228 10.07 -15.48 21.75
C LYS B 228 8.57 -15.74 21.92
N PHE B 229 8.10 -16.99 21.82
CA PHE B 229 6.66 -17.29 21.73
C PHE B 229 5.92 -17.06 23.04
N ALA B 230 6.54 -17.44 24.15
CA ALA B 230 5.83 -17.37 25.44
C ALA B 230 5.42 -15.92 25.75
N LYS B 231 6.34 -14.97 25.56
CA LYS B 231 5.98 -13.56 25.85
C LYS B 231 4.95 -13.06 24.82
N ALA B 232 5.09 -13.46 23.56
CA ALA B 232 4.12 -13.04 22.55
C ALA B 232 2.71 -13.46 22.97
N LYS B 233 2.57 -14.70 23.48
CA LYS B 233 1.21 -15.15 23.97
C LYS B 233 0.78 -14.32 25.19
N GLU B 234 1.72 -14.02 26.10
CA GLU B 234 1.33 -13.24 27.31
C GLU B 234 0.70 -11.91 26.90
N VAL B 235 1.24 -11.28 25.86
CA VAL B 235 0.70 -9.95 25.47
C VAL B 235 -0.39 -10.02 24.41
N GLY B 236 -0.81 -11.18 23.97
CA GLY B 236 -2.04 -11.29 23.17
C GLY B 236 -1.99 -12.24 22.00
N ALA B 237 -0.86 -12.79 21.63
CA ALA B 237 -0.82 -13.71 20.49
C ALA B 237 -1.70 -14.91 20.82
N THR B 238 -2.53 -15.31 19.86
CA THR B 238 -3.40 -16.49 20.06
C THR B 238 -2.73 -17.79 19.61
N GLU B 239 -1.84 -17.69 18.63
N GLU B 239 -1.63 -17.65 18.90
CA GLU B 239 -1.05 -18.79 18.02
CA GLU B 239 -0.88 -18.80 18.35
C GLU B 239 0.35 -18.21 17.77
C GLU B 239 0.41 -18.28 17.72
N CYS B 240 1.41 -19.05 17.73
N CYS B 240 1.46 -19.09 17.76
CA CYS B 240 2.75 -18.68 17.21
C CYS B 240 3.23 -19.78 16.27
N VAL B 241 3.88 -19.38 15.21
CA VAL B 241 4.44 -20.30 14.23
C VAL B 241 5.88 -19.90 13.92
N ASN B 242 6.68 -20.95 13.76
CA ASN B 242 8.08 -20.82 13.36
C ASN B 242 8.18 -21.31 11.93
N PRO B 243 8.53 -20.45 10.94
CA PRO B 243 8.65 -20.90 9.56
C PRO B 243 9.53 -22.14 9.39
N GLN B 244 10.52 -22.28 10.27
CA GLN B 244 11.53 -23.34 10.13
C GLN B 244 10.88 -24.71 10.38
N ASP B 245 9.71 -24.73 11.01
CA ASP B 245 9.00 -26.02 11.31
C ASP B 245 8.24 -26.58 10.12
N TYR B 246 8.11 -25.82 9.05
CA TYR B 246 7.22 -26.16 7.93
C TYR B 246 7.97 -26.47 6.67
N LYS B 247 7.45 -27.41 5.90
N LYS B 247 7.49 -27.47 5.94
CA LYS B 247 7.99 -27.68 4.54
CA LYS B 247 8.08 -27.85 4.63
C LYS B 247 7.50 -26.56 3.55
C LYS B 247 7.50 -27.06 3.46
N LYS B 248 6.26 -26.08 3.70
N LYS B 248 6.83 -25.96 3.74
CA LYS B 248 5.70 -25.01 2.82
CA LYS B 248 6.21 -25.10 2.69
C LYS B 248 6.26 -23.66 3.21
C LYS B 248 6.34 -23.67 3.18
N PRO B 249 6.31 -22.69 2.27
N PRO B 249 6.32 -22.69 2.25
CA PRO B 249 6.55 -21.30 2.65
C PRO B 249 5.49 -20.80 3.66
N ILE B 250 5.89 -19.94 4.56
CA ILE B 250 4.99 -19.55 5.69
C ILE B 250 3.82 -18.69 5.15
N GLN B 251 3.97 -17.99 3.98
CA GLN B 251 2.76 -17.28 3.44
C GLN B 251 1.68 -18.31 3.17
N GLU B 252 2.02 -19.50 2.64
CA GLU B 252 1.02 -20.53 2.36
C GLU B 252 0.39 -21.05 3.66
N VAL B 253 1.23 -21.29 4.66
CA VAL B 253 0.77 -21.77 5.98
C VAL B 253 -0.21 -20.73 6.53
N LEU B 254 0.17 -19.46 6.50
CA LEU B 254 -0.72 -18.44 7.11
C LEU B 254 -2.01 -18.22 6.32
N THR B 255 -1.93 -18.36 5.01
CA THR B 255 -3.11 -18.28 4.14
C THR B 255 -4.06 -19.42 4.54
N GLU B 256 -3.54 -20.62 4.73
CA GLU B 256 -4.34 -21.81 5.09
C GLU B 256 -4.94 -21.60 6.50
N MET B 257 -4.17 -21.13 7.46
CA MET B 257 -4.60 -20.97 8.85
C MET B 257 -5.77 -20.01 8.99
N SER B 258 -5.70 -18.98 8.13
CA SER B 258 -6.69 -17.88 8.10
C SER B 258 -7.78 -18.12 7.08
N ASN B 259 -7.90 -19.31 6.52
CA ASN B 259 -9.00 -19.63 5.59
C ASN B 259 -9.02 -18.64 4.44
N GLY B 260 -7.88 -18.28 3.90
CA GLY B 260 -7.82 -17.51 2.67
C GLY B 260 -7.02 -16.25 2.81
N GLY B 261 -6.29 -16.00 3.90
CA GLY B 261 -5.45 -14.80 4.11
C GLY B 261 -5.90 -14.02 5.31
N VAL B 262 -4.94 -13.31 5.89
CA VAL B 262 -5.21 -12.51 7.11
C VAL B 262 -5.77 -11.14 6.75
N ASP B 263 -6.38 -10.48 7.71
CA ASP B 263 -6.89 -9.12 7.52
C ASP B 263 -5.75 -8.12 7.55
N PHE B 264 -4.80 -8.31 8.45
CA PHE B 264 -3.71 -7.37 8.68
C PHE B 264 -2.42 -8.13 8.91
N SER B 265 -1.36 -7.79 8.23
CA SER B 265 -0.07 -8.35 8.55
C SER B 265 0.92 -7.24 8.78
N PHE B 266 1.97 -7.59 9.51
CA PHE B 266 3.02 -6.61 9.89
C PHE B 266 4.40 -7.22 9.72
N GLU B 267 5.29 -6.54 9.02
CA GLU B 267 6.69 -6.97 8.97
C GLU B 267 7.39 -6.15 10.03
N VAL B 268 7.97 -6.85 11.02
CA VAL B 268 8.65 -6.17 12.16
C VAL B 268 10.03 -6.79 12.39
N ILE B 269 10.74 -7.04 11.33
CA ILE B 269 12.05 -7.72 11.34
C ILE B 269 13.04 -6.78 10.66
N GLY B 270 12.82 -6.50 9.40
CA GLY B 270 13.78 -5.80 8.52
C GLY B 270 14.42 -6.67 7.47
N ARG B 271 13.68 -7.55 6.82
CA ARG B 271 14.18 -8.40 5.75
C ARG B 271 13.31 -8.20 4.52
N LEU B 272 13.93 -8.15 3.37
CA LEU B 272 13.18 -8.02 2.09
C LEU B 272 12.25 -9.20 1.92
N ASP B 273 12.72 -10.40 2.22
CA ASP B 273 11.90 -11.61 1.95
C ASP B 273 10.66 -11.61 2.83
N THR B 274 10.78 -11.29 4.09
CA THR B 274 9.62 -11.26 5.00
C THR B 274 8.69 -10.10 4.66
N MET B 275 9.17 -8.99 4.09
CA MET B 275 8.24 -7.93 3.64
C MET B 275 7.33 -8.48 2.56
N VAL B 276 7.86 -9.24 1.60
CA VAL B 276 7.01 -9.81 0.53
C VAL B 276 6.14 -10.93 1.06
N THR B 277 6.63 -11.77 1.96
CA THR B 277 5.85 -12.86 2.60
C THR B 277 4.70 -12.22 3.34
N ALA B 278 4.97 -11.19 4.11
CA ALA B 278 3.93 -10.55 4.91
C ALA B 278 2.86 -9.96 3.98
N LEU B 279 3.25 -9.34 2.88
CA LEU B 279 2.23 -8.80 1.96
C LEU B 279 1.39 -9.99 1.45
N SER B 280 2.05 -11.04 1.00
CA SER B 280 1.39 -12.15 0.32
C SER B 280 0.38 -12.86 1.24
N CYS B 281 0.63 -12.94 2.54
CA CYS B 281 -0.23 -13.70 3.48
C CYS B 281 -1.48 -12.93 3.84
N CYS B 282 -1.56 -11.62 3.55
N CYS B 282 -1.56 -11.68 3.39
CA CYS B 282 -2.83 -10.89 3.74
CA CYS B 282 -2.80 -10.88 3.47
C CYS B 282 -3.78 -11.19 2.59
C CYS B 282 -3.82 -11.39 2.48
N GLN B 283 -5.11 -11.13 2.91
N GLN B 283 -5.07 -11.17 2.85
CA GLN B 283 -6.15 -11.55 1.93
C GLN B 283 -6.01 -10.69 0.68
N GLU B 284 -6.08 -11.32 -0.48
CA GLU B 284 -5.71 -10.64 -1.72
C GLU B 284 -6.61 -9.49 -2.12
N ALA B 285 -7.86 -9.52 -1.69
CA ALA B 285 -8.84 -8.51 -2.10
C ALA B 285 -8.93 -7.33 -1.12
N TYR B 286 -8.74 -7.56 0.16
CA TYR B 286 -8.97 -6.51 1.15
C TYR B 286 -7.92 -6.48 2.26
N GLY B 287 -6.88 -7.32 2.15
CA GLY B 287 -5.84 -7.37 3.18
C GLY B 287 -5.04 -6.07 3.21
N VAL B 288 -4.43 -5.84 4.38
CA VAL B 288 -3.51 -4.69 4.57
C VAL B 288 -2.24 -5.25 5.17
N SER B 289 -1.10 -4.83 4.65
CA SER B 289 0.22 -5.19 5.21
C SER B 289 0.98 -3.92 5.49
N VAL B 290 1.59 -3.89 6.67
CA VAL B 290 2.39 -2.72 7.12
C VAL B 290 3.84 -3.14 7.31
N ILE B 291 4.75 -2.44 6.66
CA ILE B 291 6.20 -2.59 6.91
C ILE B 291 6.61 -1.67 8.04
N VAL B 292 7.17 -2.29 9.08
CA VAL B 292 7.74 -1.62 10.23
C VAL B 292 9.26 -1.82 10.25
N GLY B 293 9.72 -3.00 9.86
CA GLY B 293 11.16 -3.27 9.96
C GLY B 293 11.98 -2.41 9.00
C GLY B 293 11.96 -2.39 9.02
N VAL B 294 13.15 -1.97 9.49
N VAL B 294 13.28 -2.36 9.30
CA VAL B 294 14.06 -1.11 8.66
CA VAL B 294 14.29 -1.59 8.54
C VAL B 294 14.86 -2.01 7.72
C VAL B 294 15.23 -2.56 7.87
N PRO B 295 14.77 -1.75 6.40
N PRO B 295 15.24 -2.66 6.55
CA PRO B 295 15.44 -2.60 5.42
CA PRO B 295 16.13 -3.60 5.89
C PRO B 295 16.93 -2.29 5.40
C PRO B 295 17.48 -3.03 5.50
N PRO B 296 17.75 -3.21 4.87
N PRO B 296 18.41 -3.88 5.02
CA PRO B 296 19.18 -2.96 4.77
CA PRO B 296 19.75 -3.43 4.65
C PRO B 296 19.44 -1.93 3.67
C PRO B 296 19.73 -2.31 3.58
N ASP B 297 20.54 -1.25 3.80
N ASP B 297 20.53 -1.27 3.82
CA ASP B 297 20.74 -0.01 3.06
C ASP B 297 20.80 -0.31 1.55
N SER B 298 20.04 0.43 0.76
CA SER B 298 20.15 0.48 -0.72
C SER B 298 19.74 -0.84 -1.39
N GLN B 299 19.08 -1.75 -0.71
CA GLN B 299 18.66 -3.03 -1.36
C GLN B 299 17.17 -2.94 -1.75
N ASN B 300 16.88 -3.41 -2.96
CA ASN B 300 15.51 -3.48 -3.49
C ASN B 300 14.95 -4.88 -3.29
N LEU B 301 13.66 -4.93 -3.07
CA LEU B 301 12.92 -6.19 -3.09
C LEU B 301 12.36 -6.41 -4.48
N SER B 302 11.95 -7.63 -4.74
CA SER B 302 11.30 -8.11 -5.98
CA SER B 302 11.25 -7.95 -5.99
C SER B 302 9.90 -8.57 -5.64
N MET B 303 8.87 -8.10 -6.35
CA MET B 303 7.52 -8.63 -6.08
C MET B 303 6.67 -8.56 -7.32
N ASN B 304 5.60 -9.33 -7.30
CA ASN B 304 4.64 -9.38 -8.41
C ASN B 304 3.51 -8.39 -8.14
N PRO B 305 3.35 -7.34 -8.96
CA PRO B 305 2.32 -6.35 -8.68
C PRO B 305 0.91 -6.89 -8.73
N MET B 306 0.69 -8.09 -9.26
CA MET B 306 -0.65 -8.69 -9.14
C MET B 306 -1.04 -8.82 -7.67
N LEU B 307 -0.07 -8.92 -6.75
CA LEU B 307 -0.44 -8.98 -5.32
C LEU B 307 -1.25 -7.73 -4.92
N LEU B 308 -0.92 -6.58 -5.54
CA LEU B 308 -1.64 -5.33 -5.24
C LEU B 308 -2.87 -5.19 -6.14
N LEU B 309 -2.78 -5.57 -7.41
CA LEU B 309 -3.91 -5.31 -8.34
C LEU B 309 -5.18 -5.99 -7.86
N SER B 310 -5.10 -7.14 -7.18
CA SER B 310 -6.32 -7.78 -6.67
C SER B 310 -7.01 -7.00 -5.56
N GLY B 311 -6.31 -6.11 -4.88
CA GLY B 311 -6.94 -5.26 -3.86
C GLY B 311 -6.16 -5.03 -2.60
N ARG B 312 -5.01 -5.67 -2.41
CA ARG B 312 -4.21 -5.48 -1.20
C ARG B 312 -3.73 -4.03 -1.10
N THR B 313 -3.55 -3.63 0.16
CA THR B 313 -2.95 -2.34 0.53
C THR B 313 -1.61 -2.61 1.20
N TRP B 314 -0.57 -1.95 0.78
CA TRP B 314 0.78 -2.10 1.34
C TRP B 314 1.21 -0.73 1.80
N LYS B 315 1.65 -0.60 3.02
CA LYS B 315 2.08 0.68 3.56
CA LYS B 315 2.15 0.69 3.47
C LYS B 315 3.21 0.49 4.54
N GLY B 316 3.93 1.58 4.83
CA GLY B 316 4.91 1.51 5.91
C GLY B 316 4.76 2.75 6.76
N ALA B 317 5.47 2.78 7.86
CA ALA B 317 5.48 3.99 8.68
C ALA B 317 6.68 4.01 9.60
N ILE B 318 7.04 5.25 9.93
CA ILE B 318 7.97 5.57 11.01
C ILE B 318 7.20 5.94 12.26
N PHE B 319 7.65 5.39 13.38
CA PHE B 319 7.15 5.78 14.73
C PHE B 319 5.62 5.59 14.81
N GLY B 320 5.13 4.48 14.22
CA GLY B 320 3.71 4.12 14.34
C GLY B 320 2.72 5.14 13.79
N GLY B 321 3.19 6.01 12.91
CA GLY B 321 2.33 7.06 12.37
C GLY B 321 2.09 8.25 13.29
N PHE B 322 2.61 8.21 14.50
CA PHE B 322 2.32 9.28 15.47
C PHE B 322 3.05 10.58 15.14
N LYS B 323 2.30 11.67 15.14
CA LYS B 323 2.93 13.00 15.16
C LYS B 323 3.66 13.09 16.52
N SER B 324 4.95 13.21 16.48
CA SER B 324 5.74 12.84 17.67
C SER B 324 5.51 13.78 18.86
N LYS B 325 5.59 15.10 18.67
CA LYS B 325 5.51 16.00 19.82
C LYS B 325 4.09 16.06 20.39
N ASP B 326 3.07 15.93 19.54
CA ASP B 326 1.70 15.87 20.05
C ASP B 326 1.47 14.57 20.82
N SER B 327 2.03 13.48 20.27
CA SER B 327 1.61 12.14 20.72
C SER B 327 2.33 11.68 21.98
N VAL B 328 3.64 11.91 22.03
CA VAL B 328 4.43 11.33 23.15
C VAL B 328 3.90 11.74 24.54
N PRO B 329 3.50 13.02 24.81
CA PRO B 329 2.99 13.34 26.11
C PRO B 329 1.69 12.60 26.43
N LYS B 330 0.85 12.43 25.41
CA LYS B 330 -0.44 11.73 25.56
CA LYS B 330 -0.44 11.74 25.61
C LYS B 330 -0.18 10.25 25.87
N LEU B 331 0.74 9.64 25.14
CA LEU B 331 1.12 8.23 25.40
C LEU B 331 1.59 8.06 26.83
N VAL B 332 2.44 8.94 27.32
CA VAL B 332 2.94 8.84 28.70
C VAL B 332 1.75 9.03 29.65
N ALA B 333 0.86 9.98 29.40
CA ALA B 333 -0.33 10.17 30.25
C ALA B 333 -1.16 8.87 30.28
N ASP B 334 -1.35 8.25 29.12
CA ASP B 334 -2.15 7.02 28.99
C ASP B 334 -1.45 5.90 29.76
N PHE B 335 -0.12 5.81 29.73
CA PHE B 335 0.59 4.82 30.51
C PHE B 335 0.37 5.07 32.01
N MET B 336 0.48 6.32 32.46
CA MET B 336 0.26 6.72 33.87
CA MET B 336 0.30 6.56 33.90
C MET B 336 -1.16 6.33 34.30
N ALA B 337 -2.12 6.38 33.37
CA ALA B 337 -3.54 6.01 33.59
C ALA B 337 -3.80 4.51 33.39
N LYS B 338 -2.76 3.70 33.22
CA LYS B 338 -2.85 2.24 33.13
C LYS B 338 -3.57 1.76 31.88
N LYS B 339 -3.48 2.51 30.80
CA LYS B 339 -4.12 2.13 29.53
C LYS B 339 -3.35 1.08 28.73
N PHE B 340 -2.07 0.94 28.97
CA PHE B 340 -1.24 -0.13 28.40
C PHE B 340 -0.08 -0.39 29.36
N ALA B 341 0.60 -1.48 29.18
CA ALA B 341 1.74 -1.91 29.98
C ALA B 341 3.03 -1.84 29.17
N LEU B 342 4.13 -1.54 29.84
CA LEU B 342 5.49 -1.50 29.27
C LEU B 342 6.36 -2.61 29.87
N ASP B 343 6.07 -3.04 31.10
CA ASP B 343 6.92 -4.05 31.78
C ASP B 343 7.12 -5.32 30.94
N PRO B 344 6.13 -5.81 30.14
CA PRO B 344 6.35 -7.03 29.36
C PRO B 344 7.48 -6.88 28.33
N LEU B 345 7.82 -5.64 27.98
CA LEU B 345 8.88 -5.45 26.98
C LEU B 345 10.28 -5.41 27.62
N ILE B 346 10.32 -5.19 28.96
CA ILE B 346 11.64 -4.96 29.59
C ILE B 346 12.12 -6.28 30.21
N THR B 347 13.19 -6.82 29.65
CA THR B 347 13.75 -8.13 30.10
C THR B 347 15.01 -7.91 30.93
N HIS B 348 15.68 -6.79 30.79
CA HIS B 348 16.98 -6.55 31.41
C HIS B 348 17.12 -5.07 31.75
N VAL B 349 17.73 -4.76 32.88
CA VAL B 349 18.04 -3.36 33.26
C VAL B 349 19.51 -3.36 33.65
N LEU B 350 20.34 -2.54 32.96
CA LEU B 350 21.78 -2.51 33.17
C LEU B 350 22.22 -1.07 33.35
N PRO B 351 23.32 -0.84 34.07
CA PRO B 351 23.92 0.49 34.03
C PRO B 351 24.35 0.82 32.60
N PHE B 352 24.43 2.12 32.29
CA PHE B 352 24.86 2.61 30.98
C PHE B 352 26.22 2.05 30.62
N GLU B 353 27.13 1.94 31.61
CA GLU B 353 28.51 1.44 31.42
C GLU B 353 28.50 0.03 30.79
N LYS B 354 27.37 -0.72 30.88
CA LYS B 354 27.27 -2.09 30.31
C LYS B 354 26.54 -2.04 28.95
N ILE B 355 26.59 -0.90 28.25
CA ILE B 355 25.95 -0.81 26.91
C ILE B 355 26.36 -1.98 26.00
N ASN B 356 27.64 -2.32 25.92
CA ASN B 356 28.07 -3.39 25.01
C ASN B 356 27.42 -4.74 25.38
N GLU B 357 27.33 -5.03 26.67
CA GLU B 357 26.69 -6.25 27.19
C GLU B 357 25.21 -6.20 26.78
N GLY B 358 24.60 -5.03 26.85
CA GLY B 358 23.21 -4.89 26.39
C GLY B 358 23.02 -5.21 24.91
N PHE B 359 23.94 -4.75 24.07
CA PHE B 359 23.86 -5.11 22.64
C PHE B 359 24.09 -6.61 22.49
N ASP B 360 25.00 -7.20 23.27
CA ASP B 360 25.24 -8.64 23.11
C ASP B 360 23.95 -9.41 23.45
N LEU B 361 23.20 -9.00 24.46
CA LEU B 361 21.94 -9.69 24.84
C LEU B 361 20.99 -9.58 23.64
N LEU B 362 20.91 -8.44 22.96
CA LEU B 362 19.98 -8.31 21.83
C LEU B 362 20.42 -9.26 20.72
N ARG B 363 21.69 -9.22 20.34
CA ARG B 363 22.20 -9.98 19.19
C ARG B 363 22.05 -11.47 19.48
N SER B 364 22.17 -11.91 20.72
CA SER B 364 22.12 -13.35 21.02
C SER B 364 20.70 -13.90 20.97
N GLY B 365 19.70 -13.05 20.94
CA GLY B 365 18.29 -13.48 21.00
CA GLY B 365 18.29 -13.47 20.91
C GLY B 365 17.71 -13.41 22.40
C GLY B 365 17.72 -13.56 22.32
N GLU B 366 18.53 -13.27 23.47
N GLU B 366 18.47 -13.07 23.33
CA GLU B 366 18.01 -13.40 24.86
CA GLU B 366 18.18 -13.36 24.76
C GLU B 366 16.99 -12.29 25.18
C GLU B 366 17.40 -12.22 25.44
N SER B 367 17.33 -11.05 24.85
N SER B 367 17.33 -11.05 24.82
CA SER B 367 16.58 -9.89 25.39
C SER B 367 15.45 -9.45 24.43
N ILE B 368 14.51 -8.75 25.03
CA ILE B 368 13.56 -7.90 24.27
C ILE B 368 14.10 -6.47 24.37
N ARG B 369 13.77 -5.71 25.40
CA ARG B 369 14.42 -4.42 25.68
C ARG B 369 15.28 -4.56 26.94
N THR B 370 16.53 -4.14 26.76
CA THR B 370 17.43 -3.75 27.85
C THR B 370 17.25 -2.25 28.01
N ILE B 371 17.00 -1.84 29.24
CA ILE B 371 17.03 -0.40 29.62
C ILE B 371 18.40 -0.17 30.28
N LEU B 372 19.12 0.84 29.77
CA LEU B 372 20.36 1.36 30.38
C LEU B 372 20.02 2.53 31.28
N THR B 373 20.50 2.50 32.50
CA THR B 373 20.29 3.59 33.43
C THR B 373 21.58 4.34 33.70
N PHE B 374 21.49 5.65 33.64
CA PHE B 374 22.68 6.53 33.75
C PHE B 374 23.03 6.71 35.22
ZN ZN C . -11.05 -3.87 -19.35
ZN ZN D . -17.96 -13.81 -4.09
PA NAJ E . -4.74 2.47 -23.40
O1A NAJ E . -3.68 1.67 -24.09
O2A NAJ E . -5.79 3.15 -24.19
O5B NAJ E . -4.07 3.61 -22.53
C5B NAJ E . -2.74 3.51 -22.05
C4B NAJ E . -2.00 4.84 -22.21
O4B NAJ E . -0.71 4.65 -21.67
C3B NAJ E . -1.86 5.22 -23.72
O3B NAJ E . -2.43 6.49 -24.00
C2B NAJ E . -0.32 5.25 -23.89
O2B NAJ E . 0.21 6.22 -24.78
C1B NAJ E . 0.20 5.43 -22.45
N9A NAJ E . 1.58 4.95 -22.27
C8A NAJ E . 2.17 3.87 -22.80
N7A NAJ E . 3.37 3.80 -22.29
C5A NAJ E . 3.60 4.83 -21.47
C6A NAJ E . 4.75 5.39 -20.72
N6A NAJ E . 5.91 4.73 -20.68
N1A NAJ E . 4.47 6.47 -19.97
C2A NAJ E . 3.32 7.17 -20.00
N3A NAJ E . 2.27 6.76 -20.75
C4A NAJ E . 2.47 5.62 -21.45
O3 NAJ E . -5.34 1.49 -22.33
PN NAJ E . -6.66 1.48 -21.37
O1N NAJ E . -7.75 0.73 -22.03
O2N NAJ E . -6.87 2.86 -20.84
O5D NAJ E . -6.06 0.54 -20.22
C5D NAJ E . -4.96 0.99 -19.44
C4D NAJ E . -4.49 -0.15 -18.59
O4D NAJ E . -5.39 -0.48 -17.59
C3D NAJ E . -4.17 -1.42 -19.35
O3D NAJ E . -3.00 -2.10 -18.83
C2D NAJ E . -5.38 -2.27 -19.04
O2D NAJ E . -5.11 -3.67 -19.20
C1D NAJ E . -5.68 -1.88 -17.61
N1N NAJ E . -7.01 -2.13 -17.11
C2N NAJ E . -7.16 -2.49 -15.81
C3N NAJ E . -8.40 -2.58 -15.25
C7N NAJ E . -8.64 -3.03 -13.81
O7N NAJ E . -9.71 -3.44 -13.43
N7N NAJ E . -7.57 -2.82 -12.98
C4N NAJ E . -9.53 -2.27 -16.07
C5N NAJ E . -9.34 -1.77 -17.36
C6N NAJ E . -8.09 -1.73 -17.86
C1 PFB F . -9.04 -6.61 -16.83
C2 PFB F . -8.18 -6.63 -15.78
C3 PFB F . -7.35 -7.66 -15.55
C4 PFB F . -7.49 -8.75 -16.30
C5 PFB F . -8.25 -8.74 -17.41
C6 PFB F . -9.09 -7.71 -17.64
C7 PFB F . -9.97 -5.46 -17.13
F2 PFB F . -8.16 -5.61 -14.91
F3 PFB F . -6.56 -7.68 -14.50
F4 PFB F . -6.67 -9.82 -16.08
F5 PFB F . -8.30 -9.82 -18.24
F6 PFB F . -9.88 -7.74 -18.73
O1 PFB F . -9.63 -4.64 -18.25
C1 MRD G . -19.76 15.96 -17.05
C2 MRD G . -20.43 15.87 -15.70
O2 MRD G . -21.59 14.93 -15.90
CM MRD G . -19.42 15.34 -14.69
C3 MRD G . -20.92 17.26 -15.34
C4 MRD G . -21.40 17.53 -13.88
O4 MRD G . -22.55 16.78 -13.50
C5 MRD G . -21.79 18.94 -13.58
C1 MRD H . -1.38 25.27 -10.30
C1 MRD H . -2.32 26.66 -12.77
C2 MRD H . -0.31 25.75 -11.27
C2 MRD H . -1.51 25.38 -12.67
O2 MRD H . -0.31 27.21 -11.42
O2 MRD H . -2.25 24.38 -11.94
CM MRD H . 1.05 25.34 -10.73
CM MRD H . -1.21 24.81 -14.05
C3 MRD H . -0.55 25.15 -12.66
C3 MRD H . -0.22 25.62 -11.89
C4 MRD H . -1.99 25.20 -13.13
C4 MRD H . -0.49 26.16 -10.55
O4 MRD H . -2.78 24.16 -12.57
O4 MRD H . -0.32 27.57 -10.60
C5 MRD H . -2.14 25.09 -14.61
C5 MRD H . 0.39 25.52 -9.48
C1 MRD I . -19.64 9.40 -33.49
C2 MRD I . -18.74 9.53 -32.28
O2 MRD I . -17.67 8.55 -32.46
CM MRD I . -18.06 10.87 -32.23
C3 MRD I . -19.46 9.13 -30.98
C4 MRD I . -19.71 10.06 -29.79
O4 MRD I . -18.64 10.19 -28.90
C5 MRD I . -20.79 9.52 -28.89
ZN ZN J . 14.00 2.43 17.32
ZN ZN K . 7.50 19.30 10.06
PA NAJ L . 14.40 -7.38 17.47
O1A NAJ L . 15.68 -7.82 16.88
O2A NAJ L . 14.20 -7.35 18.94
O5B NAJ L . 13.21 -8.31 16.90
C5B NAJ L . 13.25 -8.86 15.57
C4B NAJ L . 12.73 -10.29 15.65
O4B NAJ L . 12.69 -10.84 14.35
C3B NAJ L . 13.52 -11.26 16.58
O3B NAJ L . 12.75 -11.83 17.61
C2B NAJ L . 14.02 -12.33 15.56
O2B NAJ L . 14.14 -13.68 16.02
C1B NAJ L . 12.94 -12.21 14.45
N9A NAJ L . 13.40 -12.72 13.14
C8A NAJ L . 14.59 -12.53 12.58
N7A NAJ L . 14.65 -13.09 11.38
C5A NAJ L . 13.39 -13.67 11.18
C6A NAJ L . 12.69 -14.40 10.11
N6A NAJ L . 13.38 -14.69 9.00
N1A NAJ L . 11.49 -14.69 10.30
C2A NAJ L . 10.74 -14.39 11.41
N3A NAJ L . 11.31 -13.74 12.45
C4A NAJ L . 12.61 -13.36 12.26
O3 NAJ L . 14.11 -5.98 16.88
PN NAJ L . 13.11 -4.78 17.25
O1N NAJ L . 13.81 -3.78 18.17
O2N NAJ L . 11.77 -5.35 17.66
O5D NAJ L . 13.03 -4.06 15.83
C5D NAJ L . 12.37 -4.76 14.77
C4D NAJ L . 12.61 -4.04 13.46
O4D NAJ L . 11.86 -2.81 13.49
C3D NAJ L . 14.06 -3.61 13.17
O3D NAJ L . 14.38 -3.71 11.76
C2D NAJ L . 14.10 -2.14 13.57
O2D NAJ L . 15.17 -1.40 12.95
C1D NAJ L . 12.72 -1.68 13.13
N1N NAJ L . 12.18 -0.55 13.76
C2N NAJ L . 11.49 0.37 13.01
C3N NAJ L . 10.79 1.38 13.55
C7N NAJ L . 9.97 2.33 12.79
O7N NAJ L . 9.72 3.50 13.17
N7N NAJ L . 9.49 1.88 11.62
C4N NAJ L . 10.93 1.58 14.93
C5N NAJ L . 11.58 0.71 15.78
C6N NAJ L . 12.15 -0.38 15.14
C1 PFB M . 14.40 3.93 13.41
C2 PFB M . 13.84 3.83 12.14
C3 PFB M . 14.54 4.04 11.03
C4 PFB M . 15.81 4.49 11.15
C5 PFB M . 16.41 4.65 12.36
C6 PFB M . 15.68 4.40 13.47
C7 PFB M . 13.67 3.70 14.68
F2 PFB M . 12.56 3.37 12.04
F3 PFB M . 13.95 3.93 9.82
F4 PFB M . 16.50 4.76 10.04
F5 PFB M . 17.68 5.11 12.46
F6 PFB M . 16.25 4.54 14.70
O1 PFB M . 13.97 2.45 15.38
C1 MRD N . -4.57 -4.90 30.44
C2 MRD N . -4.18 -3.57 29.82
O2 MRD N . -3.44 -3.85 28.62
CM MRD N . -5.38 -2.75 29.41
C3 MRD N . -3.20 -2.77 30.68
C4 MRD N . -2.94 -3.37 32.02
O4 MRD N . -2.70 -2.28 32.88
C5 MRD N . -1.79 -4.33 32.07
#